data_2IK8
#
_entry.id   2IK8
#
_cell.length_a   82.656
_cell.length_b   104.312
_cell.length_c   124.048
_cell.angle_alpha   90.00
_cell.angle_beta   90.00
_cell.angle_gamma   90.00
#
_symmetry.space_group_name_H-M   'P 21 21 21'
#
loop_
_entity.id
_entity.type
_entity.pdbx_description
1 polymer 'Guanine nucleotide-binding protein G(i), alpha-1 subunit'
2 polymer 'Regulator of G-protein signaling 16'
3 non-polymer 'TETRAFLUOROALUMINATE ION'
4 non-polymer 'MAGNESIUM ION'
5 non-polymer 'SULFATE ION'
6 non-polymer "GUANOSINE-5'-DIPHOSPHATE"
7 water water
#
loop_
_entity_poly.entity_id
_entity_poly.type
_entity_poly.pdbx_seq_one_letter_code
_entity_poly.pdbx_strand_id
1 'polypeptide(L)'
;AREVKLLLLGAGESGKSTIVKQMKIIHEAGYSEEECKQYKAVVYSNTIQSIIAIIRAMGRLKIDFGDSARADDARQLFVL
AGAAEEGFMTAELAGVIKRLWKDSGVQACFNRSREYQLNDSAAYYLNDLDRIAQPNYIPTQQDVLRTRVKTTGIVETHFT
FKDLHFKMFDVGGQRSERKKWIHCFEGVTAIIFCVALSDYDLVLAEDEEMNRMHESMKLFDSICNNKWFTDTSIILFLNK
KDLFEEKIKKSPLTICYPEYAGSNTYEEAAAYIQCQFEDLNKRKDTKEIYTHFTCATDTKNVQFVFDAVTDVIIKNNLKD
CGLF
;
A,C
2 'polypeptide(L)'
;SMRNFSEDVLGWRESFDLLLSSKNGVAAFHAFLKTEFSEENLEFWLACEEFKKIRSATKLASRAHQIFEEFICSEAPKEV
NIDHETRELTRMNLQTATATCFDAAQGKTRTLMEKDSYPRFLKSPAYRDLAAQASAASAT
;
B,D
#
loop_
_chem_comp.id
_chem_comp.type
_chem_comp.name
_chem_comp.formula
ALF non-polymer 'TETRAFLUOROALUMINATE ION' 'Al F4 -1'
GDP RNA linking GUANOSINE-5'-DIPHOSPHATE 'C10 H15 N5 O11 P2'
MG non-polymer 'MAGNESIUM ION' 'Mg 2'
SO4 non-polymer 'SULFATE ION' 'O4 S -2'
#
# COMPACT_ATOMS: atom_id res chain seq x y z
N ARG A 2 -14.19 -2.01 -21.16
CA ARG A 2 -13.52 -3.24 -20.60
C ARG A 2 -12.00 -3.07 -20.32
N GLU A 3 -11.57 -1.82 -20.04
CA GLU A 3 -10.15 -1.52 -19.83
C GLU A 3 -9.60 -2.18 -18.56
N VAL A 4 -8.54 -2.97 -18.73
CA VAL A 4 -7.90 -3.69 -17.63
C VAL A 4 -6.64 -2.94 -17.20
N LYS A 5 -6.35 -2.92 -15.90
CA LYS A 5 -5.13 -2.30 -15.36
C LYS A 5 -4.21 -3.39 -14.85
N LEU A 6 -3.00 -3.41 -15.40
CA LEU A 6 -2.06 -4.51 -15.18
C LEU A 6 -0.73 -3.98 -14.67
N LEU A 7 -0.12 -4.70 -13.73
CA LEU A 7 1.17 -4.33 -13.14
C LEU A 7 2.26 -5.39 -13.38
N LEU A 8 3.44 -4.92 -13.77
CA LEU A 8 4.64 -5.75 -13.78
C LEU A 8 5.51 -5.37 -12.56
N LEU A 9 5.52 -6.24 -11.57
CA LEU A 9 6.28 -6.03 -10.36
C LEU A 9 7.35 -7.11 -10.29
N GLY A 10 8.37 -6.87 -9.48
CA GLY A 10 9.44 -7.84 -9.26
C GLY A 10 10.73 -7.16 -8.88
N ALA A 11 11.63 -7.90 -8.26
CA ALA A 11 12.97 -7.37 -7.97
C ALA A 11 13.73 -7.00 -9.26
N GLY A 12 14.81 -6.24 -9.11
CA GLY A 12 15.59 -5.77 -10.25
C GLY A 12 16.04 -6.89 -11.16
N GLU A 13 16.06 -6.62 -12.46
CA GLU A 13 16.57 -7.58 -13.47
C GLU A 13 15.78 -8.88 -13.58
N SER A 14 14.59 -8.95 -12.98
CA SER A 14 13.77 -10.16 -13.09
C SER A 14 13.16 -10.32 -14.47
N GLY A 15 12.99 -9.20 -15.20
CA GLY A 15 12.55 -9.25 -16.60
C GLY A 15 11.27 -8.53 -16.99
N LYS A 16 10.86 -7.53 -16.20
CA LYS A 16 9.61 -6.83 -16.47
C LYS A 16 9.63 -6.07 -17.80
N SER A 17 10.69 -5.29 -18.02
CA SER A 17 10.76 -4.43 -19.21
C SER A 17 10.78 -5.24 -20.52
N THR A 18 11.34 -6.45 -20.44
CA THR A 18 11.40 -7.37 -21.57
C THR A 18 10.00 -7.86 -21.92
N ILE A 19 9.17 -8.12 -20.90
CA ILE A 19 7.78 -8.51 -21.16
C ILE A 19 7.05 -7.36 -21.84
N VAL A 20 7.34 -6.13 -21.41
CA VAL A 20 6.77 -4.95 -22.07
C VAL A 20 7.19 -4.87 -23.53
N LYS A 21 8.42 -5.26 -23.84
CA LYS A 21 8.89 -5.26 -25.23
C LYS A 21 8.11 -6.30 -26.06
N GLN A 22 7.88 -7.46 -25.45
CA GLN A 22 7.16 -8.54 -26.11
C GLN A 22 5.70 -8.19 -26.39
N MET A 23 5.16 -7.19 -25.70
CA MET A 23 3.84 -6.70 -26.05
C MET A 23 3.96 -5.90 -27.36
N LYS A 24 4.95 -5.02 -27.44
CA LYS A 24 5.14 -4.20 -28.63
C LYS A 24 5.32 -5.08 -29.87
N ILE A 25 6.00 -6.21 -29.68
CA ILE A 25 6.25 -7.14 -30.79
C ILE A 25 5.00 -7.93 -31.14
N ILE A 26 4.41 -8.59 -30.14
CA ILE A 26 3.20 -9.40 -30.37
C ILE A 26 2.03 -8.52 -30.79
N HIS A 27 1.59 -7.67 -29.88
CA HIS A 27 0.27 -7.02 -30.00
C HIS A 27 0.31 -5.62 -30.67
N GLU A 28 1.49 -5.17 -31.06
CA GLU A 28 1.66 -4.21 -32.16
C GLU A 28 2.21 -5.07 -33.27
N ALA A 29 3.12 -4.55 -34.10
CA ALA A 29 3.65 -5.34 -35.23
C ALA A 29 5.17 -5.33 -35.33
N GLY A 30 5.82 -5.98 -34.36
CA GLY A 30 7.29 -6.13 -34.34
C GLY A 30 8.03 -4.82 -34.14
N TYR A 31 9.35 -4.87 -34.24
CA TYR A 31 10.19 -3.67 -34.36
C TYR A 31 10.43 -3.36 -35.85
N SER A 32 10.50 -2.07 -36.18
CA SER A 32 10.90 -1.65 -37.52
C SER A 32 12.38 -1.94 -37.68
N GLU A 33 12.93 -1.64 -38.86
CA GLU A 33 14.39 -1.68 -38.99
C GLU A 33 14.98 -0.40 -38.41
N GLU A 34 14.31 0.72 -38.61
CA GLU A 34 14.76 1.99 -38.05
C GLU A 34 14.79 1.92 -36.54
N GLU A 35 13.72 1.37 -35.95
CA GLU A 35 13.64 1.19 -34.50
C GLU A 35 14.78 0.31 -33.96
N CYS A 36 15.18 -0.70 -34.73
CA CYS A 36 16.29 -1.59 -34.34
C CYS A 36 17.64 -0.89 -34.37
N LYS A 37 17.87 -0.08 -35.42
CA LYS A 37 19.12 0.67 -35.55
C LYS A 37 19.32 1.63 -34.37
N GLN A 38 18.23 2.03 -33.71
CA GLN A 38 18.32 2.84 -32.49
C GLN A 38 18.87 2.08 -31.26
N TYR A 39 18.76 0.75 -31.25
CA TYR A 39 19.30 -0.07 -30.15
C TYR A 39 20.79 -0.45 -30.31
N LYS A 40 21.43 -0.04 -31.41
CA LYS A 40 22.88 -0.21 -31.59
C LYS A 40 23.66 0.19 -30.34
N ALA A 41 23.61 1.48 -30.02
CA ALA A 41 24.33 2.03 -28.88
C ALA A 41 24.16 1.15 -27.64
N VAL A 42 22.95 0.72 -27.38
CA VAL A 42 22.68 -0.06 -26.18
C VAL A 42 23.38 -1.42 -26.23
N VAL A 43 23.21 -2.12 -27.35
CA VAL A 43 23.91 -3.38 -27.55
C VAL A 43 25.42 -3.17 -27.37
N TYR A 44 25.98 -2.16 -28.04
CA TYR A 44 27.42 -1.90 -27.91
C TYR A 44 27.79 -1.62 -26.47
N SER A 45 27.07 -0.70 -25.83
CA SER A 45 27.31 -0.41 -24.43
C SER A 45 27.06 -1.61 -23.52
N ASN A 46 25.99 -2.36 -23.77
CA ASN A 46 25.77 -3.63 -23.03
C ASN A 46 26.99 -4.56 -23.13
N THR A 47 27.57 -4.62 -24.32
CA THR A 47 28.68 -5.52 -24.59
C THR A 47 29.94 -5.07 -23.86
N ILE A 48 30.27 -3.79 -24.06
CA ILE A 48 31.42 -3.17 -23.40
C ILE A 48 31.30 -3.28 -21.86
N GLN A 49 30.10 -3.07 -21.33
CA GLN A 49 29.90 -3.12 -19.88
C GLN A 49 30.08 -4.56 -19.35
N SER A 50 29.52 -5.52 -20.07
CA SER A 50 29.64 -6.93 -19.69
C SER A 50 31.10 -7.34 -19.52
N ILE A 51 31.94 -7.01 -20.50
CA ILE A 51 33.34 -7.44 -20.52
C ILE A 51 34.20 -6.70 -19.46
N ILE A 52 34.01 -5.40 -19.32
CA ILE A 52 34.60 -4.67 -18.22
C ILE A 52 34.29 -5.37 -16.90
N ALA A 53 33.02 -5.69 -16.69
CA ALA A 53 32.58 -6.39 -15.47
C ALA A 53 33.44 -7.63 -15.13
N ILE A 54 33.71 -8.47 -16.13
CA ILE A 54 34.50 -9.69 -15.92
C ILE A 54 35.94 -9.33 -15.55
N ILE A 55 36.56 -8.43 -16.30
CA ILE A 55 37.95 -8.05 -16.07
C ILE A 55 38.21 -7.41 -14.71
N ARG A 56 37.33 -6.52 -14.26
CA ARG A 56 37.46 -5.92 -12.94
C ARG A 56 37.33 -6.99 -11.85
N ALA A 57 36.54 -8.01 -12.12
CA ALA A 57 36.38 -9.14 -11.21
C ALA A 57 37.65 -9.98 -11.08
N MET A 58 38.48 -9.98 -12.11
CA MET A 58 39.72 -10.75 -12.11
C MET A 58 40.76 -10.22 -11.13
N GLY A 59 40.85 -8.88 -11.01
CA GLY A 59 41.74 -8.27 -10.04
C GLY A 59 41.25 -8.45 -8.62
N ARG A 60 39.94 -8.38 -8.45
CA ARG A 60 39.32 -8.63 -7.15
C ARG A 60 39.49 -10.09 -6.74
N LEU A 61 39.07 -10.99 -7.63
CA LEU A 61 39.11 -12.42 -7.35
C LEU A 61 40.50 -13.00 -7.47
N LYS A 62 41.42 -12.24 -8.07
CA LYS A 62 42.81 -12.64 -8.22
C LYS A 62 42.93 -13.83 -9.19
N ILE A 63 42.42 -13.64 -10.40
CA ILE A 63 42.53 -14.64 -11.45
C ILE A 63 43.46 -14.14 -12.54
N ASP A 64 44.43 -14.97 -12.90
CA ASP A 64 45.37 -14.61 -13.96
C ASP A 64 44.76 -14.80 -15.34
N PHE A 65 45.24 -14.00 -16.29
CA PHE A 65 44.99 -14.26 -17.71
C PHE A 65 45.73 -15.54 -18.02
N GLY A 66 45.19 -16.34 -18.94
CA GLY A 66 45.91 -17.49 -19.48
C GLY A 66 47.16 -17.04 -20.22
N ASP A 67 47.05 -15.91 -20.91
CA ASP A 67 48.10 -15.36 -21.77
C ASP A 67 48.38 -13.93 -21.28
N SER A 68 49.60 -13.68 -20.83
CA SER A 68 49.88 -12.42 -20.10
C SER A 68 49.75 -11.15 -20.97
N ALA A 69 49.81 -11.29 -22.30
CA ALA A 69 49.62 -10.13 -23.21
C ALA A 69 48.21 -9.54 -23.21
N ARG A 70 47.24 -10.25 -22.59
CA ARG A 70 45.86 -9.76 -22.44
C ARG A 70 45.75 -8.55 -21.51
N ALA A 71 46.60 -8.49 -20.48
CA ALA A 71 46.73 -7.30 -19.65
C ALA A 71 46.77 -6.01 -20.49
N ASP A 72 47.51 -6.03 -21.58
CA ASP A 72 47.63 -4.87 -22.45
C ASP A 72 46.33 -4.52 -23.20
N ASP A 73 45.54 -5.54 -23.54
CA ASP A 73 44.23 -5.30 -24.14
C ASP A 73 43.29 -4.76 -23.07
N ALA A 74 43.29 -5.41 -21.89
CA ALA A 74 42.48 -4.97 -20.76
C ALA A 74 42.68 -3.47 -20.50
N ARG A 75 43.93 -3.03 -20.46
CA ARG A 75 44.24 -1.62 -20.29
C ARG A 75 43.49 -0.79 -21.32
N GLN A 76 43.65 -1.16 -22.59
CA GLN A 76 42.99 -0.46 -23.70
C GLN A 76 41.47 -0.48 -23.59
N LEU A 77 40.91 -1.64 -23.28
CA LEU A 77 39.48 -1.73 -23.01
C LEU A 77 39.04 -0.60 -22.08
N PHE A 78 39.56 -0.56 -20.86
CA PHE A 78 39.18 0.44 -19.87
C PHE A 78 39.23 1.85 -20.44
N VAL A 79 40.32 2.17 -21.13
CA VAL A 79 40.51 3.51 -21.70
C VAL A 79 39.54 3.80 -22.86
N LEU A 80 39.34 2.84 -23.75
CA LEU A 80 38.50 3.06 -24.93
C LEU A 80 37.05 3.32 -24.54
N ALA A 81 36.55 2.58 -23.55
CA ALA A 81 35.22 2.85 -22.97
C ALA A 81 35.30 3.85 -21.81
N MET A 89 31.44 1.53 -31.02
CA MET A 89 32.26 0.41 -31.48
C MET A 89 33.16 0.75 -32.66
N THR A 90 34.35 0.15 -32.67
CA THR A 90 35.35 0.34 -33.71
C THR A 90 36.09 -0.98 -33.85
N ALA A 91 36.90 -1.12 -34.89
CA ALA A 91 37.69 -2.35 -35.09
C ALA A 91 38.61 -2.63 -33.89
N GLU A 92 39.35 -1.60 -33.46
CA GLU A 92 40.33 -1.72 -32.37
C GLU A 92 39.69 -2.32 -31.13
N LEU A 93 38.58 -1.75 -30.71
CA LEU A 93 37.88 -2.19 -29.51
C LEU A 93 37.36 -3.61 -29.67
N ALA A 94 36.77 -3.90 -30.82
CA ALA A 94 36.26 -5.24 -31.13
C ALA A 94 37.35 -6.29 -30.97
N GLY A 95 38.47 -6.07 -31.66
CA GLY A 95 39.63 -6.95 -31.55
C GLY A 95 40.09 -7.19 -30.12
N VAL A 96 40.22 -6.10 -29.37
CA VAL A 96 40.51 -6.11 -27.93
C VAL A 96 39.53 -7.00 -27.19
N ILE A 97 38.25 -6.73 -27.40
CA ILE A 97 37.17 -7.42 -26.70
C ILE A 97 37.15 -8.90 -27.04
N LYS A 98 37.34 -9.21 -28.31
CA LYS A 98 37.32 -10.59 -28.76
C LYS A 98 38.44 -11.35 -28.07
N ARG A 99 39.64 -10.79 -28.16
CA ARG A 99 40.83 -11.43 -27.63
C ARG A 99 40.68 -11.69 -26.15
N LEU A 100 40.17 -10.71 -25.42
CA LEU A 100 39.85 -10.88 -24.00
C LEU A 100 38.87 -12.01 -23.74
N TRP A 101 37.78 -12.03 -24.48
CA TRP A 101 36.75 -13.07 -24.31
C TRP A 101 37.30 -14.48 -24.54
N LYS A 102 38.09 -14.69 -25.58
CA LYS A 102 38.64 -16.01 -25.87
C LYS A 102 39.65 -16.50 -24.82
N ASP A 103 40.25 -15.57 -24.07
CA ASP A 103 41.26 -15.93 -23.05
C ASP A 103 40.71 -16.82 -21.95
N SER A 104 41.50 -17.80 -21.56
CA SER A 104 41.09 -18.85 -20.62
C SER A 104 40.95 -18.33 -19.18
N GLY A 105 41.76 -17.35 -18.81
CA GLY A 105 41.60 -16.68 -17.53
C GLY A 105 40.30 -15.86 -17.52
N VAL A 106 40.02 -15.18 -18.61
CA VAL A 106 38.76 -14.44 -18.73
C VAL A 106 37.58 -15.39 -18.58
N GLN A 107 37.70 -16.58 -19.14
CA GLN A 107 36.61 -17.52 -19.14
C GLN A 107 36.42 -18.18 -17.79
N ALA A 108 37.52 -18.35 -17.05
CA ALA A 108 37.47 -18.86 -15.68
C ALA A 108 36.71 -17.87 -14.80
N CYS A 109 36.93 -16.58 -15.06
CA CYS A 109 36.23 -15.50 -14.36
C CYS A 109 34.75 -15.42 -14.75
N PHE A 110 34.46 -15.54 -16.04
CA PHE A 110 33.08 -15.59 -16.53
C PHE A 110 32.30 -16.75 -15.91
N ASN A 111 32.96 -17.91 -15.76
CA ASN A 111 32.33 -19.08 -15.13
C ASN A 111 32.20 -18.94 -13.60
N ARG A 112 32.70 -17.84 -13.04
CA ARG A 112 32.46 -17.50 -11.62
C ARG A 112 31.64 -16.21 -11.43
N SER A 113 30.88 -15.81 -12.45
CA SER A 113 30.12 -14.56 -12.40
C SER A 113 29.20 -14.40 -11.18
N ARG A 114 28.81 -15.51 -10.54
CA ARG A 114 27.96 -15.40 -9.37
C ARG A 114 28.57 -14.58 -8.21
N GLU A 115 29.89 -14.39 -8.24
CA GLU A 115 30.57 -13.70 -7.14
C GLU A 115 30.69 -12.21 -7.43
N TYR A 116 30.16 -11.77 -8.56
CA TYR A 116 30.13 -10.35 -8.87
C TYR A 116 28.86 -10.10 -9.68
N GLN A 117 28.76 -8.94 -10.33
CA GLN A 117 27.55 -8.57 -11.04
C GLN A 117 27.84 -8.49 -12.54
N LEU A 118 27.22 -9.41 -13.29
CA LEU A 118 27.38 -9.49 -14.73
C LEU A 118 26.01 -9.55 -15.42
N ASN A 119 25.76 -8.66 -16.38
CA ASN A 119 24.61 -8.75 -17.26
C ASN A 119 24.38 -10.16 -17.81
N ASP A 120 23.13 -10.62 -17.81
CA ASP A 120 22.83 -11.96 -18.27
C ASP A 120 23.04 -12.13 -19.77
N SER A 121 22.90 -11.05 -20.52
CA SER A 121 23.10 -11.10 -21.97
C SER A 121 24.58 -11.12 -22.40
N ALA A 122 25.50 -11.00 -21.45
CA ALA A 122 26.92 -11.01 -21.77
C ALA A 122 27.27 -12.12 -22.79
N ALA A 123 27.15 -13.38 -22.37
CA ALA A 123 27.45 -14.50 -23.26
C ALA A 123 26.83 -14.33 -24.66
N TYR A 124 25.59 -13.89 -24.72
CA TYR A 124 24.87 -13.77 -25.99
C TYR A 124 25.55 -12.75 -26.93
N TYR A 125 25.88 -11.58 -26.41
CA TYR A 125 26.50 -10.54 -27.21
C TYR A 125 27.97 -10.86 -27.53
N LEU A 126 28.73 -11.26 -26.51
CA LEU A 126 30.14 -11.55 -26.66
C LEU A 126 30.41 -12.71 -27.61
N ASN A 127 29.61 -13.78 -27.51
CA ASN A 127 29.68 -14.89 -28.46
C ASN A 127 29.29 -14.51 -29.89
N ASP A 128 28.72 -13.33 -30.08
CA ASP A 128 28.29 -12.88 -31.39
C ASP A 128 29.01 -11.64 -31.85
N LEU A 129 30.15 -11.35 -31.23
CA LEU A 129 30.96 -10.20 -31.60
C LEU A 129 31.19 -10.02 -33.12
N ASP A 130 31.43 -11.09 -33.86
CA ASP A 130 31.71 -10.98 -35.30
C ASP A 130 30.62 -10.23 -36.08
N ARG A 131 29.38 -10.58 -35.78
CA ARG A 131 28.22 -9.97 -36.40
C ARG A 131 28.04 -8.53 -35.92
N ILE A 132 28.15 -8.35 -34.59
CA ILE A 132 27.86 -7.09 -33.92
C ILE A 132 28.86 -6.00 -34.34
N ALA A 133 30.13 -6.38 -34.37
CA ALA A 133 31.23 -5.50 -34.69
C ALA A 133 31.24 -5.02 -36.14
N GLN A 134 30.49 -5.68 -37.02
CA GLN A 134 30.40 -5.23 -38.41
C GLN A 134 29.97 -3.77 -38.48
N PRO A 135 30.51 -3.00 -39.45
CA PRO A 135 30.07 -1.61 -39.65
C PRO A 135 28.59 -1.49 -40.02
N ASN A 136 28.15 -2.27 -41.00
CA ASN A 136 26.76 -2.22 -41.45
C ASN A 136 25.83 -3.13 -40.63
N TYR A 137 26.00 -3.09 -39.31
CA TYR A 137 25.30 -3.99 -38.40
C TYR A 137 23.97 -3.38 -37.99
N ILE A 138 22.92 -4.18 -38.08
CA ILE A 138 21.59 -3.77 -37.64
C ILE A 138 21.11 -4.81 -36.66
N PRO A 139 20.81 -4.41 -35.42
CA PRO A 139 20.29 -5.38 -34.45
C PRO A 139 19.11 -6.19 -34.96
N THR A 140 19.00 -7.42 -34.47
CA THR A 140 17.86 -8.28 -34.76
C THR A 140 16.84 -8.06 -33.65
N GLN A 141 15.64 -8.62 -33.83
CA GLN A 141 14.60 -8.53 -32.80
C GLN A 141 15.09 -9.07 -31.47
N GLN A 142 15.78 -10.21 -31.51
CA GLN A 142 16.32 -10.83 -30.30
C GLN A 142 17.41 -9.96 -29.65
N ASP A 143 18.33 -9.40 -30.45
CA ASP A 143 19.35 -8.47 -29.92
C ASP A 143 18.65 -7.39 -29.11
N VAL A 144 17.64 -6.78 -29.72
CA VAL A 144 16.86 -5.76 -29.05
C VAL A 144 16.28 -6.30 -27.72
N LEU A 145 15.71 -7.51 -27.77
CA LEU A 145 15.11 -8.14 -26.59
C LEU A 145 16.15 -8.38 -25.51
N ARG A 146 17.36 -8.67 -25.94
CA ARG A 146 18.44 -8.99 -25.02
C ARG A 146 19.04 -7.75 -24.36
N THR A 147 18.64 -6.56 -24.82
CA THR A 147 19.29 -5.34 -24.36
C THR A 147 18.90 -5.10 -22.93
N ARG A 148 19.79 -4.47 -22.18
CA ARG A 148 19.57 -4.13 -20.79
C ARG A 148 19.62 -2.62 -20.58
N VAL A 149 18.50 -2.05 -20.17
CA VAL A 149 18.47 -0.70 -19.62
C VAL A 149 17.76 -0.71 -18.27
N LYS A 150 18.42 -0.22 -17.23
CA LYS A 150 17.81 -0.09 -15.91
C LYS A 150 16.59 0.80 -16.03
N THR A 151 15.43 0.29 -15.66
CA THR A 151 14.23 1.09 -15.57
C THR A 151 14.26 1.86 -14.26
N THR A 152 14.11 3.17 -14.33
CA THR A 152 13.97 4.02 -13.14
C THR A 152 12.62 4.70 -13.16
N GLY A 153 11.79 4.39 -12.18
CA GLY A 153 10.50 5.04 -12.05
C GLY A 153 9.33 4.13 -12.39
N ILE A 154 8.36 4.70 -13.10
CA ILE A 154 7.10 4.04 -13.42
C ILE A 154 6.65 4.47 -14.81
N VAL A 155 6.62 3.50 -15.73
CA VAL A 155 6.29 3.70 -17.13
C VAL A 155 4.93 3.09 -17.43
N GLU A 156 3.99 3.92 -17.86
CA GLU A 156 2.67 3.47 -18.27
C GLU A 156 2.65 3.30 -19.80
N THR A 157 2.12 2.17 -20.26
CA THR A 157 1.97 1.92 -21.69
C THR A 157 0.64 1.22 -21.95
N HIS A 158 -0.06 1.67 -23.00
CA HIS A 158 -1.38 1.15 -23.36
C HIS A 158 -1.31 0.08 -24.47
N PHE A 159 -2.12 -0.97 -24.34
CA PHE A 159 -2.09 -2.11 -25.27
C PHE A 159 -3.47 -2.69 -25.55
N THR A 160 -3.67 -3.17 -26.77
CA THR A 160 -4.89 -3.86 -27.17
C THR A 160 -4.59 -5.27 -27.70
N PHE A 161 -4.86 -6.28 -26.87
CA PHE A 161 -4.81 -7.70 -27.27
C PHE A 161 -6.14 -8.12 -27.96
N LYS A 162 -6.24 -9.39 -28.35
CA LYS A 162 -7.42 -9.91 -29.05
C LYS A 162 -8.76 -9.60 -28.39
N ASP A 163 -8.83 -9.74 -27.06
CA ASP A 163 -10.10 -9.57 -26.34
C ASP A 163 -10.06 -8.57 -25.17
N LEU A 164 -8.92 -7.93 -24.96
CA LEU A 164 -8.70 -7.03 -23.82
C LEU A 164 -7.95 -5.76 -24.26
N HIS A 165 -8.33 -4.60 -23.70
CA HIS A 165 -7.43 -3.43 -23.72
C HIS A 165 -6.75 -3.32 -22.36
N PHE A 166 -5.46 -3.00 -22.37
CA PHE A 166 -4.63 -3.01 -21.16
C PHE A 166 -3.99 -1.64 -20.92
N LYS A 167 -4.17 -1.12 -19.71
CA LYS A 167 -3.27 -0.14 -19.18
C LYS A 167 -2.20 -0.95 -18.44
N MET A 168 -0.93 -0.81 -18.85
CA MET A 168 0.16 -1.62 -18.29
C MET A 168 1.26 -0.73 -17.75
N PHE A 169 1.50 -0.85 -16.44
CA PHE A 169 2.49 -0.04 -15.72
C PHE A 169 3.71 -0.86 -15.38
N ASP A 170 4.86 -0.43 -15.90
CA ASP A 170 6.15 -1.08 -15.66
C ASP A 170 6.96 -0.23 -14.68
N VAL A 171 7.54 -0.90 -13.68
CA VAL A 171 8.26 -0.24 -12.58
C VAL A 171 9.69 -0.74 -12.44
N GLY A 172 10.48 -0.05 -11.62
CA GLY A 172 11.84 -0.48 -11.31
C GLY A 172 11.85 -1.42 -10.11
N GLY A 173 12.67 -2.47 -10.17
CA GLY A 173 12.68 -3.49 -9.12
C GLY A 173 13.61 -3.26 -7.93
N GLN A 174 14.60 -2.39 -8.11
CA GLN A 174 15.58 -2.13 -7.07
C GLN A 174 14.90 -1.57 -5.83
N ARG A 175 15.55 -1.70 -4.68
CA ARG A 175 14.97 -1.23 -3.42
C ARG A 175 14.57 0.26 -3.42
N SER A 176 15.42 1.12 -3.98
CA SER A 176 15.12 2.55 -4.07
C SER A 176 13.90 2.90 -4.95
N GLU A 177 13.53 2.00 -5.86
CA GLU A 177 12.35 2.20 -6.72
C GLU A 177 11.03 1.78 -6.07
N ARG A 178 11.10 0.94 -5.04
CA ARG A 178 9.90 0.35 -4.44
C ARG A 178 9.01 1.32 -3.67
N LYS A 179 9.56 2.43 -3.20
CA LYS A 179 8.72 3.51 -2.63
C LYS A 179 7.63 3.89 -3.64
N LYS A 180 8.04 4.06 -4.90
CA LYS A 180 7.17 4.62 -5.96
C LYS A 180 5.97 3.72 -6.35
N TRP A 181 6.08 2.42 -6.09
CA TRP A 181 5.05 1.43 -6.49
C TRP A 181 3.61 1.71 -6.03
N ILE A 182 3.48 2.49 -4.98
CA ILE A 182 2.19 2.77 -4.36
C ILE A 182 1.32 3.69 -5.22
N HIS A 183 1.93 4.38 -6.19
CA HIS A 183 1.19 5.23 -7.13
C HIS A 183 0.23 4.47 -8.06
N CYS A 184 0.53 3.21 -8.37
CA CYS A 184 -0.36 2.42 -9.25
C CYS A 184 -1.09 1.23 -8.58
N PHE A 185 -1.17 1.20 -7.25
CA PHE A 185 -1.83 0.10 -6.56
C PHE A 185 -3.36 0.17 -6.56
N GLU A 186 -3.93 1.27 -7.05
CA GLU A 186 -5.40 1.46 -6.99
C GLU A 186 -6.12 0.76 -8.14
N GLY A 187 -7.19 0.03 -7.82
CA GLY A 187 -8.01 -0.65 -8.82
C GLY A 187 -7.19 -1.51 -9.76
N VAL A 188 -6.39 -2.39 -9.17
CA VAL A 188 -5.45 -3.21 -9.91
C VAL A 188 -6.11 -4.51 -10.27
N THR A 189 -6.28 -4.75 -11.56
CA THR A 189 -6.92 -5.97 -12.05
C THR A 189 -6.02 -7.19 -11.87
N ALA A 190 -4.77 -7.07 -12.31
CA ALA A 190 -3.82 -8.15 -12.28
C ALA A 190 -2.39 -7.66 -12.07
N ILE A 191 -1.60 -8.49 -11.37
CA ILE A 191 -0.18 -8.29 -11.16
C ILE A 191 0.55 -9.48 -11.74
N ILE A 192 1.38 -9.24 -12.75
CA ILE A 192 2.34 -10.24 -13.20
C ILE A 192 3.59 -9.96 -12.38
N PHE A 193 4.02 -10.96 -11.60
CA PHE A 193 5.18 -10.82 -10.72
C PHE A 193 6.33 -11.64 -11.27
N CYS A 194 7.39 -10.96 -11.68
CA CYS A 194 8.50 -11.61 -12.31
C CYS A 194 9.52 -12.01 -11.29
N VAL A 195 10.05 -13.22 -11.46
CA VAL A 195 11.15 -13.75 -10.69
C VAL A 195 12.17 -14.33 -11.67
N ALA A 196 13.43 -13.96 -11.52
CA ALA A 196 14.49 -14.53 -12.33
C ALA A 196 14.96 -15.80 -11.63
N LEU A 197 14.59 -16.96 -12.19
CA LEU A 197 15.00 -18.26 -11.62
C LEU A 197 16.50 -18.37 -11.50
N SER A 198 17.20 -17.84 -12.49
CA SER A 198 18.65 -17.87 -12.52
C SER A 198 19.31 -17.05 -11.39
N ASP A 199 18.54 -16.32 -10.59
CA ASP A 199 19.10 -15.56 -9.45
C ASP A 199 19.42 -16.37 -8.19
N TYR A 200 19.08 -17.66 -8.14
CA TYR A 200 19.21 -18.44 -6.89
C TYR A 200 20.61 -18.41 -6.26
N ASP A 201 21.66 -18.32 -7.08
CA ASP A 201 23.04 -18.33 -6.58
C ASP A 201 23.71 -16.94 -6.54
N LEU A 202 22.95 -15.89 -6.84
CA LEU A 202 23.48 -14.53 -6.95
C LEU A 202 23.12 -13.62 -5.75
N VAL A 203 23.86 -12.53 -5.59
CA VAL A 203 23.57 -11.53 -4.57
C VAL A 203 22.97 -10.27 -5.23
N LEU A 204 22.37 -9.40 -4.43
CA LEU A 204 21.71 -8.18 -4.94
C LEU A 204 22.74 -7.15 -5.38
N ALA A 205 22.43 -6.42 -6.46
CA ALA A 205 23.34 -5.40 -6.97
C ALA A 205 23.39 -4.21 -6.03
N GLU A 206 22.40 -4.13 -5.15
CA GLU A 206 22.29 -3.05 -4.18
C GLU A 206 22.46 -3.54 -2.74
N ASP A 207 22.81 -4.82 -2.57
CA ASP A 207 23.32 -5.31 -1.30
C ASP A 207 24.04 -6.63 -1.57
N GLU A 208 25.35 -6.67 -1.35
CA GLU A 208 26.14 -7.86 -1.60
C GLU A 208 25.94 -8.95 -0.53
N GLU A 209 25.27 -8.60 0.57
CA GLU A 209 25.02 -9.55 1.66
C GLU A 209 23.70 -10.30 1.45
N MET A 210 22.96 -9.92 0.41
CA MET A 210 21.59 -10.40 0.28
C MET A 210 21.42 -11.22 -0.98
N ASN A 211 21.05 -12.49 -0.79
CA ASN A 211 20.73 -13.40 -1.89
C ASN A 211 19.47 -12.95 -2.68
N ARG A 212 19.61 -12.77 -3.99
CA ARG A 212 18.52 -12.25 -4.84
C ARG A 212 17.21 -13.03 -4.80
N MET A 213 17.28 -14.34 -4.61
CA MET A 213 16.07 -15.16 -4.56
C MET A 213 15.36 -14.95 -3.22
N HIS A 214 16.10 -14.89 -2.12
CA HIS A 214 15.49 -14.61 -0.82
C HIS A 214 14.87 -13.23 -0.80
N GLU A 215 15.44 -12.32 -1.59
CA GLU A 215 14.88 -11.00 -1.78
C GLU A 215 13.55 -11.05 -2.52
N SER A 216 13.52 -11.70 -3.69
CA SER A 216 12.27 -11.90 -4.44
C SER A 216 11.18 -12.59 -3.61
N MET A 217 11.57 -13.51 -2.74
CA MET A 217 10.62 -14.22 -1.90
C MET A 217 9.98 -13.28 -0.87
N LYS A 218 10.80 -12.49 -0.17
CA LYS A 218 10.26 -11.50 0.77
C LYS A 218 9.35 -10.50 0.05
N LEU A 219 9.76 -10.08 -1.14
CA LEU A 219 8.96 -9.16 -1.96
C LEU A 219 7.65 -9.82 -2.32
N PHE A 220 7.70 -11.09 -2.68
CA PHE A 220 6.50 -11.80 -3.09
C PHE A 220 5.58 -12.06 -1.90
N ASP A 221 6.14 -12.35 -0.73
CA ASP A 221 5.31 -12.54 0.45
C ASP A 221 4.46 -11.30 0.66
N SER A 222 5.08 -10.14 0.53
CA SER A 222 4.40 -8.85 0.76
C SER A 222 3.42 -8.40 -0.33
N ILE A 223 3.62 -8.78 -1.58
CA ILE A 223 2.63 -8.45 -2.62
C ILE A 223 1.50 -9.48 -2.65
N CYS A 224 1.86 -10.76 -2.67
CA CYS A 224 0.87 -11.84 -2.64
C CYS A 224 -0.18 -11.64 -1.56
N ASN A 225 0.25 -11.28 -0.36
CA ASN A 225 -0.64 -11.24 0.80
C ASN A 225 -1.14 -9.83 1.16
N ASN A 226 -0.76 -8.84 0.35
CA ASN A 226 -1.12 -7.44 0.61
C ASN A 226 -2.62 -7.21 0.54
N LYS A 227 -3.14 -6.44 1.49
CA LYS A 227 -4.57 -6.12 1.53
C LYS A 227 -5.08 -5.52 0.22
N TRP A 228 -4.25 -4.67 -0.44
CA TRP A 228 -4.65 -3.99 -1.68
C TRP A 228 -5.16 -4.94 -2.76
N PHE A 229 -4.67 -6.18 -2.73
CA PHE A 229 -4.81 -7.09 -3.87
C PHE A 229 -5.68 -8.33 -3.63
N THR A 230 -6.52 -8.26 -2.61
CA THR A 230 -7.51 -9.30 -2.34
C THR A 230 -8.34 -9.59 -3.58
N ASP A 231 -8.60 -8.54 -4.36
CA ASP A 231 -9.40 -8.64 -5.58
C ASP A 231 -8.56 -8.62 -6.87
N THR A 232 -7.25 -8.81 -6.77
CA THR A 232 -6.35 -8.81 -7.93
C THR A 232 -5.85 -10.21 -8.29
N SER A 233 -5.71 -10.48 -9.58
CA SER A 233 -5.20 -11.75 -10.06
C SER A 233 -3.69 -11.81 -9.93
N ILE A 234 -3.20 -12.59 -8.95
CA ILE A 234 -1.77 -12.73 -8.75
C ILE A 234 -1.22 -13.77 -9.72
N ILE A 235 -0.38 -13.29 -10.64
CA ILE A 235 0.26 -14.14 -11.64
C ILE A 235 1.75 -14.10 -11.39
N LEU A 236 2.36 -15.30 -11.37
CA LEU A 236 3.75 -15.50 -11.02
C LEU A 236 4.52 -16.05 -12.22
N PHE A 237 5.38 -15.22 -12.79
CA PHE A 237 6.25 -15.61 -13.87
C PHE A 237 7.57 -16.08 -13.31
N LEU A 238 7.85 -17.37 -13.43
CA LEU A 238 9.16 -17.90 -13.09
C LEU A 238 10.01 -17.79 -14.36
N ASN A 239 10.80 -16.74 -14.42
CA ASN A 239 11.37 -16.26 -15.67
C ASN A 239 12.82 -16.69 -15.82
N LYS A 240 13.43 -16.36 -16.97
CA LYS A 240 14.79 -16.77 -17.29
C LYS A 240 15.00 -18.28 -17.08
N LYS A 241 14.03 -19.09 -17.51
CA LYS A 241 14.14 -20.55 -17.39
C LYS A 241 15.27 -21.09 -18.25
N ASP A 242 15.50 -20.45 -19.39
CA ASP A 242 16.58 -20.86 -20.26
C ASP A 242 17.93 -20.68 -19.57
N LEU A 243 18.13 -19.55 -18.89
CA LEU A 243 19.37 -19.31 -18.16
C LEU A 243 19.53 -20.25 -16.97
N PHE A 244 18.40 -20.56 -16.32
CA PHE A 244 18.37 -21.47 -15.18
C PHE A 244 18.76 -22.87 -15.62
N GLU A 245 18.18 -23.31 -16.74
CA GLU A 245 18.44 -24.65 -17.29
C GLU A 245 19.93 -24.93 -17.45
N GLU A 246 20.68 -23.97 -17.97
CA GLU A 246 22.11 -24.17 -18.24
C GLU A 246 22.99 -23.82 -17.04
N LYS A 247 22.38 -23.22 -16.01
CA LYS A 247 23.05 -22.98 -14.73
C LYS A 247 23.07 -24.21 -13.85
N ILE A 248 21.91 -24.83 -13.68
CA ILE A 248 21.65 -25.67 -12.52
C ILE A 248 22.57 -26.90 -12.37
N LYS A 249 23.05 -27.45 -13.47
CA LYS A 249 23.99 -28.56 -13.41
C LYS A 249 25.40 -28.09 -12.98
N LYS A 250 25.67 -26.80 -13.19
CA LYS A 250 26.96 -26.18 -12.80
C LYS A 250 26.96 -25.66 -11.35
N SER A 251 25.87 -25.02 -10.91
CA SER A 251 25.83 -24.42 -9.57
C SER A 251 24.60 -24.91 -8.76
N PRO A 252 24.86 -25.49 -7.58
CA PRO A 252 23.78 -26.15 -6.85
C PRO A 252 22.81 -25.18 -6.15
N LEU A 253 21.56 -25.62 -6.07
CA LEU A 253 20.47 -24.85 -5.50
C LEU A 253 20.63 -24.65 -3.99
N THR A 254 21.45 -25.48 -3.35
CA THR A 254 21.70 -25.39 -1.93
C THR A 254 22.29 -24.05 -1.51
N ILE A 255 22.94 -23.37 -2.45
CA ILE A 255 23.37 -22.00 -2.27
C ILE A 255 22.18 -21.18 -1.78
N CYS A 256 21.04 -21.36 -2.46
CA CYS A 256 19.82 -20.63 -2.13
C CYS A 256 18.92 -21.29 -1.09
N TYR A 257 18.92 -22.62 -1.05
CA TYR A 257 18.08 -23.39 -0.13
C TYR A 257 18.91 -24.52 0.47
N PRO A 258 19.58 -24.24 1.59
CA PRO A 258 20.40 -25.23 2.24
C PRO A 258 19.63 -26.53 2.55
N GLU A 259 18.34 -26.40 2.82
CA GLU A 259 17.46 -27.55 3.10
C GLU A 259 17.35 -28.61 1.98
N TYR A 260 17.69 -28.23 0.75
CA TYR A 260 17.32 -28.95 -0.47
C TYR A 260 17.92 -30.35 -0.59
N ALA A 261 17.04 -31.35 -0.64
CA ALA A 261 17.45 -32.75 -0.72
C ALA A 261 17.40 -33.28 -2.16
N GLY A 262 16.86 -32.50 -3.09
CA GLY A 262 16.65 -32.95 -4.46
C GLY A 262 17.81 -32.72 -5.40
N SER A 263 17.69 -33.28 -6.60
CA SER A 263 18.76 -33.22 -7.61
C SER A 263 18.91 -31.84 -8.22
N ASN A 264 20.15 -31.46 -8.54
CA ASN A 264 20.40 -30.17 -9.19
C ASN A 264 20.14 -30.28 -10.69
N THR A 265 18.91 -30.65 -11.03
CA THR A 265 18.43 -30.74 -12.40
C THR A 265 17.27 -29.78 -12.61
N TYR A 266 17.10 -29.36 -13.86
CA TYR A 266 16.21 -28.28 -14.27
C TYR A 266 14.74 -28.36 -13.83
N GLU A 267 14.09 -29.48 -14.04
CA GLU A 267 12.66 -29.58 -13.74
C GLU A 267 12.39 -29.64 -12.24
N GLU A 268 13.09 -30.54 -11.56
CA GLU A 268 12.89 -30.74 -10.14
C GLU A 268 13.22 -29.50 -9.31
N ALA A 269 14.32 -28.84 -9.67
CA ALA A 269 14.77 -27.64 -8.97
C ALA A 269 13.79 -26.50 -9.26
N ALA A 270 13.23 -26.49 -10.47
CA ALA A 270 12.26 -25.48 -10.87
C ALA A 270 10.94 -25.73 -10.15
N ALA A 271 10.57 -26.98 -9.97
CA ALA A 271 9.35 -27.30 -9.22
C ALA A 271 9.49 -26.88 -7.76
N TYR A 272 10.72 -26.88 -7.29
CA TYR A 272 11.03 -26.58 -5.91
C TYR A 272 11.01 -25.09 -5.66
N ILE A 273 11.69 -24.32 -6.50
CA ILE A 273 11.56 -22.88 -6.44
C ILE A 273 10.07 -22.52 -6.38
N GLN A 274 9.31 -22.96 -7.40
CA GLN A 274 7.86 -22.68 -7.50
C GLN A 274 7.12 -22.86 -6.16
N CYS A 275 7.35 -24.00 -5.52
CA CYS A 275 6.66 -24.31 -4.25
C CYS A 275 7.02 -23.35 -3.14
N GLN A 276 8.28 -22.89 -3.14
CA GLN A 276 8.75 -21.97 -2.12
C GLN A 276 8.00 -20.65 -2.19
N PHE A 277 7.98 -20.05 -3.36
CA PHE A 277 7.15 -18.86 -3.61
C PHE A 277 5.67 -19.11 -3.30
N GLU A 278 5.09 -20.14 -3.91
CA GLU A 278 3.68 -20.47 -3.67
C GLU A 278 3.35 -20.76 -2.19
N ASP A 279 4.33 -21.23 -1.41
CA ASP A 279 4.13 -21.40 0.03
C ASP A 279 4.00 -20.07 0.80
N LEU A 280 4.43 -18.98 0.17
CA LEU A 280 4.29 -17.64 0.75
C LEU A 280 2.85 -17.14 0.80
N ASN A 281 1.96 -17.76 0.04
CA ASN A 281 0.54 -17.44 0.08
C ASN A 281 -0.05 -17.76 1.47
N LYS A 282 -0.68 -16.76 2.09
CA LYS A 282 -1.22 -16.89 3.45
C LYS A 282 -2.74 -17.18 3.48
N ARG A 283 -3.41 -17.00 2.34
CA ARG A 283 -4.80 -17.46 2.17
C ARG A 283 -4.93 -18.34 0.93
N LYS A 284 -4.49 -19.59 1.05
CA LYS A 284 -4.54 -20.56 -0.05
C LYS A 284 -5.97 -21.07 -0.32
N ASP A 285 -6.83 -21.07 0.70
CA ASP A 285 -8.24 -21.42 0.53
C ASP A 285 -8.96 -20.51 -0.47
N THR A 286 -8.60 -19.22 -0.45
CA THR A 286 -9.36 -18.19 -1.15
C THR A 286 -8.58 -17.54 -2.30
N LYS A 287 -7.26 -17.70 -2.32
CA LYS A 287 -6.42 -17.01 -3.30
C LYS A 287 -5.62 -18.05 -4.09
N GLU A 288 -5.47 -17.79 -5.37
CA GLU A 288 -4.80 -18.71 -6.27
C GLU A 288 -3.63 -17.98 -6.95
N ILE A 289 -2.42 -18.47 -6.74
CA ILE A 289 -1.27 -17.99 -7.51
C ILE A 289 -1.26 -18.72 -8.83
N TYR A 290 -1.44 -18.00 -9.92
CA TYR A 290 -1.31 -18.57 -11.26
C TYR A 290 0.17 -18.51 -11.69
N THR A 291 0.80 -19.69 -11.80
CA THR A 291 2.24 -19.80 -12.06
C THR A 291 2.54 -20.18 -13.50
N HIS A 292 3.57 -19.57 -14.07
CA HIS A 292 4.03 -19.87 -15.42
C HIS A 292 5.54 -19.77 -15.51
N PHE A 293 6.16 -20.81 -16.07
CA PHE A 293 7.58 -20.77 -16.37
C PHE A 293 7.77 -20.13 -17.72
N THR A 294 8.53 -19.03 -17.74
CA THR A 294 8.70 -18.20 -18.93
C THR A 294 10.16 -17.94 -19.33
N CYS A 295 10.38 -17.78 -20.62
CA CYS A 295 11.61 -17.19 -21.10
C CYS A 295 11.19 -15.89 -21.74
N ALA A 296 11.43 -14.80 -21.03
CA ALA A 296 10.98 -13.46 -21.48
C ALA A 296 11.49 -13.08 -22.90
N THR A 297 12.68 -13.51 -23.24
CA THR A 297 13.26 -13.16 -24.54
C THR A 297 12.74 -14.02 -25.70
N ASP A 298 11.93 -15.04 -25.40
CA ASP A 298 11.39 -15.96 -26.41
C ASP A 298 9.96 -15.60 -26.73
N THR A 299 9.78 -14.88 -27.84
CA THR A 299 8.49 -14.34 -28.22
C THR A 299 7.41 -15.40 -28.21
N LYS A 300 7.60 -16.44 -29.01
CA LYS A 300 6.65 -17.55 -29.06
C LYS A 300 6.15 -17.99 -27.66
N ASN A 301 7.08 -18.18 -26.72
CA ASN A 301 6.73 -18.58 -25.35
C ASN A 301 5.92 -17.54 -24.58
N VAL A 302 6.34 -16.28 -24.67
CA VAL A 302 5.60 -15.19 -24.03
C VAL A 302 4.23 -14.99 -24.69
N GLN A 303 4.09 -15.35 -25.96
CA GLN A 303 2.80 -15.28 -26.64
C GLN A 303 1.83 -16.33 -26.07
N PHE A 304 2.34 -17.55 -25.88
CA PHE A 304 1.52 -18.65 -25.31
C PHE A 304 1.14 -18.41 -23.85
N VAL A 305 2.08 -17.90 -23.05
CA VAL A 305 1.79 -17.59 -21.66
C VAL A 305 0.77 -16.45 -21.56
N PHE A 306 0.85 -15.47 -22.46
CA PHE A 306 -0.07 -14.33 -22.34
C PHE A 306 -1.51 -14.66 -22.72
N ASP A 307 -1.67 -15.69 -23.55
CA ASP A 307 -3.00 -16.24 -23.83
C ASP A 307 -3.58 -16.88 -22.60
N ALA A 308 -2.77 -17.63 -21.87
CA ALA A 308 -3.22 -18.32 -20.66
C ALA A 308 -3.55 -17.31 -19.55
N VAL A 309 -2.81 -16.22 -19.51
CA VAL A 309 -3.02 -15.17 -18.52
C VAL A 309 -4.33 -14.46 -18.82
N THR A 310 -4.43 -13.92 -20.04
CA THR A 310 -5.65 -13.26 -20.49
C THR A 310 -6.92 -14.05 -20.13
N ASP A 311 -6.94 -15.34 -20.41
CA ASP A 311 -8.09 -16.20 -20.05
C ASP A 311 -8.43 -16.09 -18.56
N VAL A 312 -7.43 -16.12 -17.70
CA VAL A 312 -7.66 -15.97 -16.26
C VAL A 312 -8.22 -14.59 -15.93
N ILE A 313 -7.75 -13.57 -16.64
CA ILE A 313 -8.21 -12.19 -16.44
C ILE A 313 -9.63 -11.94 -17.01
N ILE A 314 -10.16 -12.87 -17.80
CA ILE A 314 -11.57 -12.85 -18.15
C ILE A 314 -12.36 -13.65 -17.12
N LYS A 315 -12.02 -14.92 -16.96
CA LYS A 315 -12.68 -15.81 -16.00
C LYS A 315 -12.83 -15.18 -14.60
N ASN A 316 -11.80 -14.50 -14.14
CA ASN A 316 -11.78 -13.87 -12.81
C ASN A 316 -12.22 -12.42 -12.77
N ASN A 317 -12.79 -11.90 -13.86
CA ASN A 317 -13.21 -10.49 -13.91
C ASN A 317 -14.41 -10.23 -14.85
N LEU A 318 -15.47 -11.01 -14.70
CA LEU A 318 -16.70 -10.80 -15.48
C LEU A 318 -17.85 -11.69 -14.98
N SER B 15 21.66 15.77 -28.77
CA SER B 15 22.44 15.21 -27.63
C SER B 15 21.75 15.43 -26.27
N PHE B 16 22.15 14.65 -25.27
CA PHE B 16 21.63 14.77 -23.91
C PHE B 16 22.35 15.85 -23.14
N ASP B 17 23.61 16.10 -23.51
CA ASP B 17 24.43 17.08 -22.83
C ASP B 17 23.88 18.50 -23.04
N LEU B 18 23.27 18.73 -24.21
CA LEU B 18 22.62 20.01 -24.47
C LEU B 18 21.44 20.20 -23.52
N LEU B 19 20.56 19.20 -23.45
CA LEU B 19 19.39 19.25 -22.57
C LEU B 19 19.77 19.68 -21.15
N LEU B 20 20.79 19.02 -20.59
CA LEU B 20 21.24 19.30 -19.23
C LEU B 20 21.94 20.65 -19.03
N SER B 21 22.29 21.33 -20.13
CA SER B 21 22.96 22.63 -20.04
C SER B 21 22.02 23.83 -19.98
N SER B 22 20.81 23.71 -20.53
CA SER B 22 19.88 24.85 -20.64
C SER B 22 18.88 24.93 -19.48
N LYS B 23 18.56 26.16 -19.08
CA LYS B 23 17.58 26.39 -18.02
C LYS B 23 16.25 25.76 -18.41
N ASN B 24 15.71 26.18 -19.56
CA ASN B 24 14.44 25.66 -20.06
C ASN B 24 14.44 24.15 -20.10
N GLY B 25 15.42 23.59 -20.80
CA GLY B 25 15.51 22.14 -20.99
C GLY B 25 15.40 21.36 -19.70
N VAL B 26 16.16 21.78 -18.69
CA VAL B 26 16.20 21.10 -17.40
C VAL B 26 14.83 21.10 -16.73
N ALA B 27 14.19 22.26 -16.67
CA ALA B 27 12.86 22.39 -16.05
C ALA B 27 11.84 21.52 -16.75
N ALA B 28 11.91 21.49 -18.08
CA ALA B 28 10.98 20.69 -18.89
C ALA B 28 11.19 19.22 -18.64
N PHE B 29 12.47 18.83 -18.63
CA PHE B 29 12.84 17.46 -18.34
C PHE B 29 12.45 17.05 -16.92
N HIS B 30 12.46 18.02 -16.00
CA HIS B 30 12.06 17.76 -14.63
C HIS B 30 10.58 17.40 -14.56
N ALA B 31 9.76 18.25 -15.17
CA ALA B 31 8.32 18.05 -15.26
C ALA B 31 7.99 16.65 -15.74
N PHE B 32 8.75 16.18 -16.73
CA PHE B 32 8.53 14.85 -17.27
C PHE B 32 8.93 13.79 -16.23
N LEU B 33 10.14 13.88 -15.71
CA LEU B 33 10.59 12.93 -14.70
C LEU B 33 9.62 12.87 -13.51
N LYS B 34 8.94 13.97 -13.20
CA LYS B 34 7.89 13.96 -12.16
C LYS B 34 6.76 13.03 -12.55
N THR B 35 6.44 13.00 -13.84
CA THR B 35 5.36 12.17 -14.34
C THR B 35 5.71 10.68 -14.17
N GLU B 36 6.99 10.35 -14.21
CA GLU B 36 7.42 8.96 -14.08
C GLU B 36 8.02 8.65 -12.71
N PHE B 37 7.87 9.57 -11.78
CA PHE B 37 8.37 9.41 -10.41
C PHE B 37 9.85 9.05 -10.36
N SER B 38 10.65 9.69 -11.21
CA SER B 38 12.11 9.51 -11.22
C SER B 38 12.85 10.85 -11.21
N GLU B 39 12.22 11.88 -10.64
CA GLU B 39 12.82 13.20 -10.61
C GLU B 39 14.04 13.27 -9.70
N GLU B 40 14.13 12.36 -8.72
CA GLU B 40 15.22 12.39 -7.75
C GLU B 40 16.57 12.27 -8.42
N ASN B 41 16.59 11.59 -9.56
CA ASN B 41 17.81 11.44 -10.38
C ASN B 41 18.35 12.76 -10.83
N LEU B 42 17.53 13.53 -11.53
CA LEU B 42 17.95 14.83 -12.04
C LEU B 42 18.34 15.77 -10.92
N GLU B 43 17.63 15.70 -9.80
CA GLU B 43 17.89 16.60 -8.66
C GLU B 43 19.28 16.39 -8.13
N PHE B 44 19.58 15.15 -7.77
CA PHE B 44 20.92 14.79 -7.34
C PHE B 44 21.99 15.27 -8.33
N TRP B 45 21.78 14.97 -9.60
CA TRP B 45 22.73 15.38 -10.63
C TRP B 45 22.97 16.89 -10.61
N LEU B 46 21.92 17.65 -10.35
CA LEU B 46 22.04 19.11 -10.17
C LEU B 46 22.66 19.49 -8.83
N ALA B 47 22.42 18.68 -7.80
CA ALA B 47 23.06 18.85 -6.50
C ALA B 47 24.56 18.66 -6.62
N CYS B 48 24.97 17.71 -7.46
CA CYS B 48 26.39 17.44 -7.72
C CYS B 48 27.10 18.53 -8.52
N GLU B 49 26.40 19.20 -9.44
CA GLU B 49 27.01 20.27 -10.24
C GLU B 49 27.18 21.57 -9.45
N GLU B 50 26.35 21.78 -8.43
CA GLU B 50 26.58 22.86 -7.46
C GLU B 50 27.76 22.52 -6.55
N PHE B 51 27.68 21.35 -5.93
CA PHE B 51 28.65 20.87 -4.92
C PHE B 51 30.10 21.02 -5.34
N LYS B 52 30.38 20.72 -6.60
CA LYS B 52 31.75 20.67 -7.10
C LYS B 52 32.36 22.04 -7.33
N LYS B 53 31.50 23.06 -7.39
CA LYS B 53 31.94 24.45 -7.51
C LYS B 53 32.50 25.01 -6.19
N ILE B 54 32.21 24.31 -5.09
CA ILE B 54 32.62 24.75 -3.77
C ILE B 54 34.12 24.56 -3.62
N ARG B 55 34.83 25.65 -3.29
CA ARG B 55 36.28 25.64 -3.10
C ARG B 55 36.65 25.36 -1.65
N SER B 56 35.88 25.92 -0.71
CA SER B 56 36.09 25.71 0.73
C SER B 56 35.98 24.23 1.11
N ALA B 57 36.89 23.76 1.95
CA ALA B 57 36.91 22.35 2.37
C ALA B 57 35.95 22.03 3.52
N THR B 58 35.42 23.06 4.19
CA THR B 58 34.41 22.88 5.25
C THR B 58 33.02 22.72 4.66
N LYS B 59 32.68 23.61 3.73
CA LYS B 59 31.38 23.61 3.07
C LYS B 59 31.21 22.34 2.27
N LEU B 60 32.26 21.95 1.54
CA LEU B 60 32.28 20.63 0.93
C LEU B 60 31.96 19.62 2.03
N ALA B 61 32.75 19.62 3.11
CA ALA B 61 32.56 18.71 4.24
C ALA B 61 31.09 18.54 4.64
N SER B 62 30.44 19.66 4.92
CA SER B 62 29.04 19.65 5.31
C SER B 62 28.14 19.26 4.14
N ARG B 63 28.30 19.92 3.00
CA ARG B 63 27.40 19.68 1.86
C ARG B 63 27.42 18.21 1.40
N ALA B 64 28.58 17.58 1.53
CA ALA B 64 28.72 16.16 1.20
C ALA B 64 27.83 15.30 2.09
N HIS B 65 27.76 15.64 3.38
CA HIS B 65 26.87 14.91 4.30
C HIS B 65 25.41 15.17 3.94
N GLN B 66 25.10 16.36 3.46
CA GLN B 66 23.73 16.69 3.03
C GLN B 66 23.29 15.93 1.77
N ILE B 67 24.12 15.96 0.74
CA ILE B 67 23.81 15.30 -0.51
C ILE B 67 23.70 13.80 -0.30
N PHE B 68 24.65 13.24 0.45
CA PHE B 68 24.65 11.82 0.79
C PHE B 68 23.43 11.44 1.63
N GLU B 69 23.05 12.29 2.57
CA GLU B 69 21.90 12.02 3.42
C GLU B 69 20.58 11.99 2.65
N GLU B 70 20.50 12.74 1.55
CA GLU B 70 19.23 12.88 0.82
C GLU B 70 19.04 11.87 -0.29
N PHE B 71 20.12 11.60 -1.04
CA PHE B 71 20.04 10.86 -2.30
C PHE B 71 20.74 9.49 -2.33
N ILE B 72 21.73 9.27 -1.47
CA ILE B 72 22.60 8.10 -1.58
C ILE B 72 22.30 7.05 -0.52
N CYS B 73 22.27 7.51 0.72
CA CYS B 73 22.05 6.66 1.89
C CYS B 73 20.90 5.67 1.77
N SER B 74 21.07 4.50 2.37
CA SER B 74 20.08 3.41 2.26
C SER B 74 18.72 3.73 2.90
N GLU B 75 18.69 4.67 3.84
CA GLU B 75 17.44 5.19 4.38
C GLU B 75 17.20 6.63 3.94
N ALA B 76 17.51 6.93 2.67
CA ALA B 76 17.42 8.30 2.13
C ALA B 76 16.04 8.61 1.57
N PRO B 77 15.58 9.85 1.78
CA PRO B 77 14.26 10.27 1.30
C PRO B 77 14.16 10.34 -0.22
N LYS B 78 15.16 10.89 -0.89
CA LYS B 78 15.16 10.92 -2.36
C LYS B 78 16.21 9.95 -2.90
N GLU B 79 16.29 8.78 -2.29
CA GLU B 79 17.29 7.76 -2.59
C GLU B 79 17.31 7.40 -4.07
N VAL B 80 18.49 7.49 -4.68
CA VAL B 80 18.65 7.22 -6.12
C VAL B 80 19.14 5.80 -6.36
N ASN B 81 18.81 5.27 -7.53
CA ASN B 81 19.12 3.87 -7.86
C ASN B 81 20.54 3.74 -8.36
N ILE B 82 21.41 3.30 -7.46
CA ILE B 82 22.81 3.00 -7.74
C ILE B 82 23.19 1.70 -7.00
N ASP B 83 24.20 1.00 -7.52
CA ASP B 83 24.58 -0.31 -6.97
C ASP B 83 25.29 -0.16 -5.62
N HIS B 84 25.53 -1.30 -4.97
CA HIS B 84 26.16 -1.30 -3.66
C HIS B 84 27.58 -0.74 -3.70
N GLU B 85 28.33 -1.10 -4.73
CA GLU B 85 29.73 -0.67 -4.87
C GLU B 85 29.85 0.85 -4.95
N THR B 86 29.08 1.45 -5.85
CA THR B 86 29.11 2.89 -6.07
C THR B 86 28.63 3.63 -4.83
N ARG B 87 27.73 3.00 -4.07
CA ARG B 87 27.21 3.64 -2.85
C ARG B 87 28.29 3.71 -1.79
N GLU B 88 28.87 2.55 -1.47
CA GLU B 88 29.82 2.45 -0.37
C GLU B 88 31.14 3.15 -0.70
N LEU B 89 31.45 3.28 -1.99
CA LEU B 89 32.61 4.07 -2.44
C LEU B 89 32.39 5.56 -2.14
N THR B 90 31.22 6.05 -2.52
CA THR B 90 30.84 7.43 -2.20
C THR B 90 30.82 7.67 -0.69
N ARG B 91 30.56 6.63 0.11
CA ARG B 91 30.60 6.75 1.57
C ARG B 91 32.02 6.86 2.09
N MET B 92 32.95 6.17 1.44
CA MET B 92 34.35 6.29 1.82
C MET B 92 34.95 7.58 1.26
N ASN B 93 34.37 8.10 0.17
CA ASN B 93 34.78 9.41 -0.35
C ASN B 93 34.38 10.60 0.54
N LEU B 94 33.40 10.39 1.42
CA LEU B 94 33.05 11.37 2.46
C LEU B 94 34.16 11.58 3.51
N GLN B 95 34.84 10.50 3.87
CA GLN B 95 35.90 10.55 4.90
C GLN B 95 36.68 11.87 4.81
N THR B 96 36.99 12.29 3.57
CA THR B 96 37.45 13.66 3.28
C THR B 96 36.80 14.15 1.99
N ALA B 97 35.71 14.89 2.12
CA ALA B 97 34.96 15.34 0.97
C ALA B 97 35.77 16.32 0.14
N THR B 98 36.25 15.88 -1.02
CA THR B 98 36.77 16.78 -2.05
C THR B 98 35.67 17.04 -3.09
N ALA B 99 35.98 17.87 -4.09
CA ALA B 99 35.03 18.23 -5.14
C ALA B 99 34.53 17.05 -5.97
N THR B 100 35.36 16.03 -6.15
CA THR B 100 35.02 14.86 -6.97
C THR B 100 34.26 13.78 -6.22
N CYS B 101 34.04 13.98 -4.93
CA CYS B 101 33.40 13.01 -4.02
C CYS B 101 32.26 12.17 -4.64
N PHE B 102 31.45 12.80 -5.50
CA PHE B 102 30.27 12.16 -6.10
C PHE B 102 30.40 11.80 -7.60
N ASP B 103 31.56 12.01 -8.20
CA ASP B 103 31.71 11.76 -9.65
C ASP B 103 31.21 10.36 -10.07
N ALA B 104 31.51 9.35 -9.25
CA ALA B 104 31.07 7.99 -9.56
C ALA B 104 29.56 7.91 -9.52
N ALA B 105 28.98 8.29 -8.39
CA ALA B 105 27.53 8.26 -8.22
C ALA B 105 26.81 9.12 -9.27
N GLN B 106 27.44 10.24 -9.64
CA GLN B 106 26.85 11.18 -10.61
C GLN B 106 26.84 10.61 -12.01
N GLY B 107 27.83 9.80 -12.34
CA GLY B 107 27.91 9.14 -13.65
C GLY B 107 26.90 8.03 -13.79
N LYS B 108 26.73 7.24 -12.73
CA LYS B 108 25.75 6.17 -12.72
C LYS B 108 24.37 6.75 -12.98
N THR B 109 24.06 7.81 -12.24
CA THR B 109 22.79 8.53 -12.35
C THR B 109 22.56 9.20 -13.73
N ARG B 110 23.58 9.84 -14.27
CA ARG B 110 23.48 10.45 -15.60
C ARG B 110 23.09 9.40 -16.66
N THR B 111 23.78 8.26 -16.63
CA THR B 111 23.53 7.13 -17.53
C THR B 111 22.12 6.59 -17.39
N LEU B 112 21.64 6.52 -16.14
CA LEU B 112 20.30 6.07 -15.84
C LEU B 112 19.27 6.95 -16.57
N MET B 113 19.47 8.26 -16.51
CA MET B 113 18.60 9.20 -17.20
C MET B 113 18.80 9.16 -18.71
N GLU B 114 20.05 9.12 -19.16
CA GLU B 114 20.37 9.15 -20.59
C GLU B 114 19.81 7.93 -21.30
N LYS B 115 20.04 6.75 -20.74
CA LYS B 115 19.66 5.49 -21.38
C LYS B 115 18.16 5.24 -21.28
N ASP B 116 17.61 5.41 -20.09
CA ASP B 116 16.24 4.97 -19.83
C ASP B 116 15.16 6.00 -20.16
N SER B 117 15.16 7.13 -19.45
CA SER B 117 14.03 8.06 -19.48
C SER B 117 14.17 9.27 -20.41
N TYR B 118 15.38 9.56 -20.85
CA TYR B 118 15.61 10.63 -21.84
C TYR B 118 14.97 10.32 -23.19
N PRO B 119 15.04 9.06 -23.66
CA PRO B 119 14.40 8.73 -24.94
C PRO B 119 12.87 8.83 -24.90
N ARG B 120 12.27 8.44 -23.78
CA ARG B 120 10.84 8.61 -23.59
C ARG B 120 10.47 10.10 -23.58
N PHE B 121 11.35 10.92 -23.02
CA PHE B 121 11.11 12.37 -22.95
C PHE B 121 11.06 13.01 -24.33
N LEU B 122 11.94 12.55 -25.22
CA LEU B 122 11.97 13.01 -26.61
C LEU B 122 10.70 12.61 -27.38
N LYS B 123 10.08 11.51 -26.96
CA LYS B 123 8.81 11.08 -27.54
C LYS B 123 7.61 11.51 -26.67
N SER B 124 7.84 12.39 -25.70
CA SER B 124 6.76 12.91 -24.86
C SER B 124 6.03 14.07 -25.54
N PRO B 125 4.75 14.30 -25.19
CA PRO B 125 4.00 15.46 -25.68
C PRO B 125 4.43 16.75 -25.00
N ALA B 126 4.87 16.66 -23.75
CA ALA B 126 5.47 17.80 -23.06
C ALA B 126 6.44 18.47 -24.01
N TYR B 127 7.47 17.73 -24.42
CA TYR B 127 8.50 18.21 -25.34
C TYR B 127 7.99 18.31 -26.79
N ARG B 128 7.35 17.24 -27.30
CA ARG B 128 6.82 17.21 -28.68
C ARG B 128 6.13 18.52 -29.06
N ASP B 129 5.38 19.08 -28.12
CA ASP B 129 4.72 20.36 -28.31
C ASP B 129 5.72 21.52 -28.29
N LEU B 130 6.66 21.49 -27.36
CA LEU B 130 7.62 22.59 -27.19
C LEU B 130 8.70 22.64 -28.29
N ALA B 131 8.89 21.52 -28.98
CA ALA B 131 9.72 21.49 -30.20
C ALA B 131 8.88 21.96 -31.38
N ALA B 132 7.61 21.54 -31.43
CA ALA B 132 6.65 22.00 -32.42
C ALA B 132 6.50 23.52 -32.37
N GLN B 133 6.65 24.08 -31.16
CA GLN B 133 6.78 25.53 -30.98
C GLN B 133 8.12 26.00 -31.56
N ALA B 134 9.19 25.29 -31.19
CA ALA B 134 10.53 25.52 -31.72
C ALA B 134 10.58 25.30 -33.24
N GLU C 3 -3.42 24.04 -1.62
CA GLU C 3 -4.23 22.83 -1.28
C GLU C 3 -3.52 21.92 -0.30
N VAL C 4 -4.19 21.58 0.80
CA VAL C 4 -3.66 20.66 1.80
C VAL C 4 -4.54 19.42 1.85
N LYS C 5 -3.96 18.26 1.56
CA LYS C 5 -4.68 17.00 1.59
C LYS C 5 -4.38 16.28 2.90
N LEU C 6 -5.39 16.15 3.74
CA LEU C 6 -5.23 15.56 5.06
C LEU C 6 -5.95 14.21 5.18
N LEU C 7 -5.21 13.21 5.69
CA LEU C 7 -5.74 11.87 5.91
C LEU C 7 -5.90 11.59 7.40
N LEU C 8 -7.10 11.19 7.80
CA LEU C 8 -7.36 10.72 9.16
C LEU C 8 -7.36 9.21 9.17
N LEU C 9 -6.30 8.62 9.72
CA LEU C 9 -6.12 7.18 9.71
C LEU C 9 -6.01 6.67 11.14
N GLY C 10 -6.26 5.37 11.29
CA GLY C 10 -6.29 4.73 12.60
C GLY C 10 -7.18 3.52 12.64
N ALA C 11 -7.06 2.73 13.70
CA ALA C 11 -7.93 1.58 13.92
C ALA C 11 -9.32 2.08 14.25
N GLY C 12 -10.31 1.19 14.17
CA GLY C 12 -11.69 1.55 14.48
C GLY C 12 -11.85 2.13 15.88
N GLU C 13 -12.71 3.13 16.00
CA GLU C 13 -13.06 3.73 17.30
C GLU C 13 -11.92 4.51 17.93
N SER C 14 -10.95 4.91 17.12
CA SER C 14 -9.82 5.70 17.59
C SER C 14 -10.17 7.19 17.72
N GLY C 15 -11.21 7.62 17.00
CA GLY C 15 -11.74 9.00 17.15
C GLY C 15 -11.60 9.92 15.94
N LYS C 16 -11.42 9.33 14.75
CA LYS C 16 -11.20 10.11 13.53
C LYS C 16 -12.40 10.98 13.21
N SER C 17 -13.57 10.36 13.17
CA SER C 17 -14.82 11.03 12.85
C SER C 17 -15.15 12.11 13.87
N THR C 18 -14.75 11.90 15.12
CA THR C 18 -14.90 12.94 16.15
C THR C 18 -14.08 14.18 15.80
N ILE C 19 -12.83 13.97 15.37
CA ILE C 19 -11.98 15.08 14.93
C ILE C 19 -12.57 15.81 13.73
N VAL C 20 -13.07 15.06 12.75
CA VAL C 20 -13.71 15.68 11.59
C VAL C 20 -14.88 16.56 12.02
N LYS C 21 -15.64 16.12 13.03
CA LYS C 21 -16.72 16.94 13.61
C LYS C 21 -16.18 18.25 14.19
N GLN C 22 -15.02 18.18 14.84
CA GLN C 22 -14.40 19.36 15.43
C GLN C 22 -13.90 20.38 14.41
N MET C 23 -13.51 19.94 13.21
CA MET C 23 -13.17 20.89 12.14
C MET C 23 -14.44 21.60 11.63
N LYS C 24 -15.53 20.84 11.50
CA LYS C 24 -16.83 21.43 11.18
C LYS C 24 -17.15 22.57 12.14
N ILE C 25 -17.18 22.26 13.43
CA ILE C 25 -17.48 23.25 14.47
C ILE C 25 -16.54 24.45 14.41
N ILE C 26 -15.25 24.17 14.53
CA ILE C 26 -14.26 25.22 14.76
C ILE C 26 -14.06 26.14 13.56
N HIS C 27 -13.98 25.55 12.35
CA HIS C 27 -13.71 26.33 11.15
C HIS C 27 -14.89 26.51 10.18
N GLU C 28 -15.99 25.82 10.45
CA GLU C 28 -17.17 25.90 9.58
C GLU C 28 -18.45 26.08 10.40
N ALA C 29 -18.42 27.03 11.34
CA ALA C 29 -19.63 27.52 12.00
C ALA C 29 -20.48 26.47 12.73
N GLY C 30 -19.94 25.87 13.79
CA GLY C 30 -20.69 25.03 14.73
C GLY C 30 -21.62 23.95 14.19
N TYR C 31 -22.51 23.49 15.07
CA TYR C 31 -23.65 22.64 14.72
C TYR C 31 -24.93 23.41 15.06
N SER C 32 -25.71 23.74 14.03
CA SER C 32 -26.96 24.46 14.23
C SER C 32 -27.85 23.72 15.22
N GLU C 33 -28.77 24.45 15.83
CA GLU C 33 -29.72 23.87 16.75
C GLU C 33 -30.59 22.85 16.01
N GLU C 34 -30.85 23.11 14.73
CA GLU C 34 -31.63 22.18 13.89
C GLU C 34 -30.84 20.91 13.57
N GLU C 35 -29.53 21.04 13.36
CA GLU C 35 -28.67 19.87 13.12
C GLU C 35 -28.53 19.00 14.37
N CYS C 36 -28.47 19.62 15.54
CA CYS C 36 -28.47 18.89 16.80
C CYS C 36 -29.72 18.03 16.96
N LYS C 37 -30.84 18.50 16.40
CA LYS C 37 -32.10 17.74 16.43
C LYS C 37 -31.97 16.40 15.70
N GLN C 38 -31.36 16.41 14.51
CA GLN C 38 -31.21 15.21 13.68
C GLN C 38 -30.49 14.05 14.39
N TYR C 39 -29.59 14.37 15.31
CA TYR C 39 -28.83 13.36 16.06
C TYR C 39 -29.58 12.75 17.26
N LYS C 40 -30.74 13.29 17.62
CA LYS C 40 -31.52 12.74 18.74
C LYS C 40 -31.66 11.22 18.59
N ALA C 41 -32.03 10.80 17.38
CA ALA C 41 -32.12 9.39 17.01
C ALA C 41 -30.87 8.60 17.39
N VAL C 42 -29.70 9.16 17.10
CA VAL C 42 -28.43 8.50 17.36
C VAL C 42 -28.17 8.40 18.87
N VAL C 43 -28.37 9.50 19.59
CA VAL C 43 -28.15 9.53 21.03
C VAL C 43 -28.94 8.43 21.77
N TYR C 44 -30.25 8.38 21.51
CA TYR C 44 -31.09 7.33 22.06
C TYR C 44 -30.49 5.96 21.74
N SER C 45 -30.27 5.74 20.44
CA SER C 45 -29.74 4.49 19.94
C SER C 45 -28.45 4.09 20.67
N ASN C 46 -27.52 5.03 20.79
CA ASN C 46 -26.27 4.82 21.54
C ASN C 46 -26.55 4.38 22.97
N THR C 47 -27.44 5.12 23.64
CA THR C 47 -27.83 4.83 25.01
C THR C 47 -28.41 3.45 25.15
N ILE C 48 -29.34 3.12 24.25
CA ILE C 48 -29.96 1.81 24.19
C ILE C 48 -28.88 0.74 23.99
N GLN C 49 -28.07 0.92 22.96
CA GLN C 49 -27.05 -0.07 22.58
C GLN C 49 -26.11 -0.35 23.74
N SER C 50 -25.74 0.70 24.46
CA SER C 50 -24.81 0.60 25.60
C SER C 50 -25.34 -0.36 26.65
N ILE C 51 -26.52 -0.04 27.20
CA ILE C 51 -27.09 -0.81 28.29
C ILE C 51 -27.36 -2.24 27.84
N ILE C 52 -27.71 -2.41 26.56
CA ILE C 52 -27.89 -3.76 26.01
C ILE C 52 -26.60 -4.59 26.15
N ALA C 53 -25.48 -4.01 25.77
CA ALA C 53 -24.18 -4.67 25.92
C ALA C 53 -23.98 -5.21 27.35
N ILE C 54 -24.18 -4.34 28.32
CA ILE C 54 -23.92 -4.65 29.71
C ILE C 54 -24.83 -5.80 30.22
N ILE C 55 -26.05 -5.84 29.73
CA ILE C 55 -26.95 -6.90 30.14
C ILE C 55 -26.58 -8.22 29.50
N ARG C 56 -26.13 -8.17 28.25
CA ARG C 56 -25.62 -9.37 27.59
C ARG C 56 -24.44 -9.90 28.36
N ALA C 57 -23.52 -9.01 28.70
CA ALA C 57 -22.32 -9.41 29.43
C ALA C 57 -22.67 -10.09 30.76
N MET C 58 -23.67 -9.56 31.47
CA MET C 58 -24.03 -10.07 32.80
C MET C 58 -24.27 -11.57 32.79
N GLY C 59 -25.03 -12.05 31.82
CA GLY C 59 -25.20 -13.48 31.63
C GLY C 59 -23.90 -14.16 31.22
N ARG C 60 -23.21 -13.61 30.24
CA ARG C 60 -21.97 -14.23 29.76
C ARG C 60 -20.89 -14.30 30.83
N LEU C 61 -20.71 -13.22 31.57
CA LEU C 61 -19.72 -13.17 32.67
C LEU C 61 -20.31 -13.74 33.94
N LYS C 62 -21.57 -14.14 33.90
CA LYS C 62 -22.27 -14.70 35.07
C LYS C 62 -22.24 -13.73 36.26
N ILE C 63 -22.74 -12.51 36.08
CA ILE C 63 -22.91 -11.53 37.17
C ILE C 63 -24.38 -11.31 37.48
N ASP C 64 -24.78 -11.60 38.72
CA ASP C 64 -26.15 -11.37 39.19
C ASP C 64 -26.50 -9.87 39.31
N PHE C 65 -27.80 -9.60 39.42
CA PHE C 65 -28.30 -8.27 39.71
C PHE C 65 -28.21 -8.02 41.21
N GLY C 66 -28.24 -6.75 41.60
CA GLY C 66 -28.39 -6.38 43.00
C GLY C 66 -29.76 -6.80 43.46
N ASP C 67 -30.79 -6.34 42.75
CA ASP C 67 -32.18 -6.68 43.02
C ASP C 67 -32.75 -7.50 41.86
N SER C 68 -33.25 -8.69 42.17
CA SER C 68 -33.82 -9.61 41.18
C SER C 68 -34.99 -9.05 40.38
N ALA C 69 -35.64 -8.01 40.90
CA ALA C 69 -36.68 -7.30 40.17
C ALA C 69 -36.20 -6.71 38.84
N ARG C 70 -34.89 -6.55 38.68
CA ARG C 70 -34.32 -6.03 37.44
C ARG C 70 -34.48 -7.04 36.31
N ALA C 71 -34.67 -8.31 36.68
CA ALA C 71 -34.96 -9.36 35.70
C ALA C 71 -36.08 -8.90 34.78
N ASP C 72 -37.16 -8.39 35.37
CA ASP C 72 -38.29 -7.88 34.60
C ASP C 72 -37.87 -6.75 33.66
N ASP C 73 -37.11 -5.79 34.17
CA ASP C 73 -36.76 -4.60 33.38
C ASP C 73 -35.77 -4.93 32.25
N ALA C 74 -34.90 -5.90 32.48
CA ALA C 74 -33.96 -6.33 31.48
C ALA C 74 -34.69 -6.96 30.30
N ARG C 75 -35.73 -7.73 30.58
CA ARG C 75 -36.51 -8.34 29.52
C ARG C 75 -37.24 -7.27 28.76
N GLN C 76 -37.81 -6.31 29.48
CA GLN C 76 -38.59 -5.26 28.83
C GLN C 76 -37.71 -4.38 27.98
N LEU C 77 -36.49 -4.11 28.42
CA LEU C 77 -35.53 -3.38 27.58
C LEU C 77 -35.49 -3.98 26.18
N PHE C 78 -35.26 -5.29 26.13
CA PHE C 78 -35.18 -6.00 24.85
C PHE C 78 -36.49 -6.04 24.10
N VAL C 79 -37.60 -5.96 24.81
CA VAL C 79 -38.91 -5.95 24.17
C VAL C 79 -39.24 -4.56 23.61
N LEU C 80 -38.94 -3.49 24.35
CA LEU C 80 -39.17 -2.11 23.86
C LEU C 80 -38.22 -1.78 22.72
N ALA C 81 -36.92 -1.96 22.96
CA ALA C 81 -35.91 -1.84 21.93
C ALA C 81 -36.20 -2.81 20.79
N MET C 89 -37.30 7.22 22.15
CA MET C 89 -37.27 7.05 23.60
C MET C 89 -38.64 7.29 24.21
N THR C 90 -39.16 6.29 24.92
CA THR C 90 -40.42 6.44 25.66
C THR C 90 -40.14 6.57 27.14
N ALA C 91 -41.12 7.07 27.89
CA ALA C 91 -40.97 7.28 29.33
C ALA C 91 -40.78 5.96 30.07
N GLU C 92 -41.41 4.90 29.55
CA GLU C 92 -41.25 3.56 30.11
C GLU C 92 -39.84 3.06 29.87
N LEU C 93 -39.41 3.10 28.62
CA LEU C 93 -38.07 2.64 28.26
C LEU C 93 -37.07 3.37 29.12
N ALA C 94 -37.15 4.71 29.13
CA ALA C 94 -36.30 5.53 29.98
C ALA C 94 -36.29 5.00 31.41
N GLY C 95 -37.48 4.70 31.94
CA GLY C 95 -37.63 4.13 33.27
C GLY C 95 -36.83 2.86 33.43
N VAL C 96 -37.09 1.89 32.55
CA VAL C 96 -36.32 0.64 32.49
C VAL C 96 -34.82 0.91 32.55
N ILE C 97 -34.32 1.74 31.64
CA ILE C 97 -32.87 1.98 31.54
C ILE C 97 -32.31 2.65 32.77
N LYS C 98 -33.09 3.55 33.37
CA LYS C 98 -32.66 4.28 34.57
C LYS C 98 -32.53 3.32 35.76
N ARG C 99 -33.44 2.35 35.85
CA ARG C 99 -33.45 1.40 36.97
C ARG C 99 -32.34 0.36 36.86
N LEU C 100 -32.13 -0.13 35.64
CA LEU C 100 -31.03 -1.04 35.34
C LEU C 100 -29.65 -0.41 35.57
N TRP C 101 -29.50 0.85 35.19
CA TRP C 101 -28.21 1.52 35.31
C TRP C 101 -27.85 1.79 36.76
N LYS C 102 -28.86 1.97 37.61
CA LYS C 102 -28.65 2.14 39.04
C LYS C 102 -28.29 0.84 39.74
N ASP C 103 -28.63 -0.30 39.16
CA ASP C 103 -28.42 -1.59 39.83
C ASP C 103 -26.95 -1.88 40.03
N SER C 104 -26.61 -2.36 41.23
CA SER C 104 -25.24 -2.59 41.64
C SER C 104 -24.55 -3.65 40.80
N GLY C 105 -25.29 -4.71 40.48
CA GLY C 105 -24.80 -5.76 39.59
C GLY C 105 -24.58 -5.31 38.16
N VAL C 106 -25.34 -4.32 37.71
CA VAL C 106 -25.12 -3.74 36.39
C VAL C 106 -23.93 -2.81 36.44
N GLN C 107 -23.68 -2.23 37.62
CA GLN C 107 -22.49 -1.41 37.84
C GLN C 107 -21.24 -2.28 37.94
N ALA C 108 -21.39 -3.49 38.47
CA ALA C 108 -20.27 -4.44 38.53
C ALA C 108 -19.83 -4.77 37.10
N CYS C 109 -20.80 -5.17 36.29
CA CYS C 109 -20.53 -5.49 34.89
C CYS C 109 -19.98 -4.30 34.14
N PHE C 110 -20.50 -3.11 34.41
CA PHE C 110 -19.96 -1.91 33.75
C PHE C 110 -18.45 -1.80 34.03
N ASN C 111 -18.09 -1.96 35.29
CA ASN C 111 -16.69 -1.90 35.70
C ASN C 111 -15.82 -2.91 34.99
N ARG C 112 -16.40 -4.00 34.51
CA ARG C 112 -15.63 -5.05 33.85
C ARG C 112 -15.71 -5.00 32.32
N SER C 113 -16.07 -3.84 31.77
CA SER C 113 -16.38 -3.69 30.36
C SER C 113 -15.26 -4.03 29.41
N ARG C 114 -14.03 -4.05 29.89
CA ARG C 114 -12.91 -4.42 29.04
C ARG C 114 -13.07 -5.82 28.46
N GLU C 115 -13.89 -6.65 29.13
CA GLU C 115 -14.11 -8.03 28.73
C GLU C 115 -15.15 -8.22 27.63
N TYR C 116 -15.79 -7.12 27.21
CA TYR C 116 -16.80 -7.16 26.15
C TYR C 116 -16.73 -5.85 25.39
N GLN C 117 -17.69 -5.53 24.53
CA GLN C 117 -17.58 -4.30 23.74
C GLN C 117 -18.67 -3.33 24.15
N LEU C 118 -18.29 -2.25 24.82
CA LEU C 118 -19.21 -1.22 25.29
C LEU C 118 -18.78 0.13 24.76
N ASN C 119 -19.73 0.89 24.20
CA ASN C 119 -19.47 2.23 23.66
C ASN C 119 -18.74 3.13 24.62
N ASP C 120 -17.81 3.91 24.10
CA ASP C 120 -17.04 4.85 24.89
C ASP C 120 -17.94 5.83 25.67
N SER C 121 -19.08 6.18 25.10
CA SER C 121 -19.95 7.22 25.66
C SER C 121 -21.09 6.66 26.53
N ALA C 122 -21.01 5.40 26.92
CA ALA C 122 -22.03 4.75 27.75
C ALA C 122 -22.34 5.54 29.02
N ALA C 123 -21.33 5.70 29.88
CA ALA C 123 -21.51 6.44 31.14
C ALA C 123 -22.00 7.88 30.92
N TYR C 124 -21.44 8.54 29.92
CA TYR C 124 -21.85 9.90 29.59
C TYR C 124 -23.35 10.03 29.37
N TYR C 125 -23.92 9.18 28.52
CA TYR C 125 -25.37 9.23 28.27
C TYR C 125 -26.20 8.66 29.42
N LEU C 126 -25.82 7.50 29.93
CA LEU C 126 -26.58 6.86 31.01
C LEU C 126 -26.59 7.70 32.28
N ASN C 127 -25.47 8.34 32.58
CA ASN C 127 -25.43 9.27 33.72
C ASN C 127 -26.22 10.58 33.49
N ASP C 128 -26.78 10.75 32.30
CA ASP C 128 -27.58 11.95 31.96
C ASP C 128 -28.92 11.60 31.33
N LEU C 129 -29.38 10.38 31.58
CA LEU C 129 -30.61 9.88 30.97
C LEU C 129 -31.82 10.75 31.30
N ASP C 130 -31.85 11.36 32.48
CA ASP C 130 -32.95 12.25 32.86
C ASP C 130 -33.05 13.46 31.92
N ARG C 131 -31.91 14.02 31.56
CA ARG C 131 -31.86 15.13 30.60
C ARG C 131 -32.28 14.69 29.19
N ILE C 132 -31.82 13.50 28.77
CA ILE C 132 -32.11 12.98 27.43
C ILE C 132 -33.54 12.42 27.32
N ALA C 133 -34.11 11.99 28.44
CA ALA C 133 -35.44 11.35 28.47
C ALA C 133 -36.61 12.33 28.29
N GLN C 134 -36.36 13.62 28.53
CA GLN C 134 -37.40 14.65 28.45
C GLN C 134 -37.96 14.76 27.04
N PRO C 135 -39.29 14.92 26.92
CA PRO C 135 -39.91 14.93 25.58
C PRO C 135 -39.33 15.96 24.61
N ASN C 136 -39.24 17.22 25.04
CA ASN C 136 -38.74 18.28 24.18
C ASN C 136 -37.27 18.54 24.44
N TYR C 137 -36.41 17.60 24.02
CA TYR C 137 -35.00 17.60 24.39
C TYR C 137 -34.10 17.84 23.18
N ILE C 138 -33.25 18.86 23.27
CA ILE C 138 -32.36 19.22 22.17
C ILE C 138 -30.91 18.89 22.52
N PRO C 139 -30.32 17.90 21.81
CA PRO C 139 -28.92 17.54 21.96
C PRO C 139 -27.97 18.73 21.95
N THR C 140 -26.94 18.68 22.80
CA THR C 140 -25.92 19.71 22.89
C THR C 140 -24.73 19.36 22.01
N GLN C 141 -23.98 20.39 21.62
CA GLN C 141 -22.77 20.18 20.81
C GLN C 141 -21.91 19.04 21.37
N GLN C 142 -21.84 18.92 22.69
CA GLN C 142 -21.08 17.86 23.32
C GLN C 142 -21.76 16.50 23.11
N ASP C 143 -23.08 16.46 23.23
CA ASP C 143 -23.84 15.23 23.00
C ASP C 143 -23.63 14.71 21.59
N VAL C 144 -23.52 15.62 20.64
CA VAL C 144 -23.30 15.25 19.25
C VAL C 144 -21.91 14.62 19.07
N LEU C 145 -20.90 15.23 19.67
CA LEU C 145 -19.52 14.72 19.63
C LEU C 145 -19.37 13.38 20.37
N ARG C 146 -20.23 13.09 21.33
CA ARG C 146 -20.18 11.79 21.99
C ARG C 146 -20.83 10.69 21.14
N THR C 147 -21.48 11.05 20.04
CA THR C 147 -22.24 10.06 19.27
C THR C 147 -21.36 9.00 18.63
N ARG C 148 -21.87 7.78 18.57
CA ARG C 148 -21.15 6.68 17.94
C ARG C 148 -21.89 6.25 16.68
N VAL C 149 -21.20 6.39 15.54
CA VAL C 149 -21.71 5.97 14.23
C VAL C 149 -20.54 5.38 13.46
N LYS C 150 -20.60 4.07 13.24
CA LYS C 150 -19.49 3.41 12.60
C LYS C 150 -19.35 3.97 11.18
N THR C 151 -18.20 4.57 10.90
CA THR C 151 -17.88 5.02 9.54
C THR C 151 -17.54 3.84 8.65
N THR C 152 -18.07 3.86 7.44
CA THR C 152 -17.69 2.89 6.43
C THR C 152 -17.40 3.60 5.11
N GLY C 153 -16.16 3.48 4.64
CA GLY C 153 -15.73 4.04 3.37
C GLY C 153 -14.80 5.22 3.54
N ILE C 154 -14.90 6.19 2.62
CA ILE C 154 -14.04 7.37 2.61
C ILE C 154 -14.89 8.64 2.39
N VAL C 155 -15.04 9.42 3.46
CA VAL C 155 -15.80 10.66 3.42
C VAL C 155 -14.83 11.83 3.32
N GLU C 156 -15.05 12.68 2.32
CA GLU C 156 -14.22 13.85 2.10
C GLU C 156 -14.97 15.10 2.52
N THR C 157 -14.42 15.81 3.50
CA THR C 157 -14.87 17.15 3.88
C THR C 157 -13.97 18.18 3.19
N HIS C 158 -14.49 19.39 3.01
CA HIS C 158 -13.65 20.56 2.71
C HIS C 158 -13.69 21.51 3.91
N PHE C 159 -12.66 22.36 4.03
CA PHE C 159 -12.71 23.55 4.89
C PHE C 159 -11.45 24.40 4.68
N THR C 160 -11.45 25.59 5.27
CA THR C 160 -10.35 26.54 5.08
C THR C 160 -9.89 27.10 6.43
N PHE C 161 -8.57 27.24 6.60
CA PHE C 161 -8.01 27.74 7.85
C PHE C 161 -6.57 28.21 7.65
N LYS C 162 -6.22 29.31 8.34
CA LYS C 162 -4.86 29.85 8.35
C LYS C 162 -4.35 30.20 6.95
N ASP C 163 -5.29 30.54 6.07
CA ASP C 163 -5.04 30.75 4.65
C ASP C 163 -4.63 29.45 3.96
N LEU C 164 -5.37 28.37 4.25
CA LEU C 164 -5.14 27.07 3.62
C LEU C 164 -6.46 26.38 3.33
N HIS C 165 -6.57 25.78 2.15
CA HIS C 165 -7.78 25.08 1.74
C HIS C 165 -7.64 23.58 1.99
N PHE C 166 -8.26 23.11 3.06
CA PHE C 166 -8.15 21.71 3.47
C PHE C 166 -9.11 20.76 2.75
N LYS C 167 -8.54 19.75 2.10
CA LYS C 167 -9.29 18.60 1.63
C LYS C 167 -8.99 17.47 2.61
N MET C 168 -9.86 17.32 3.60
CA MET C 168 -9.70 16.36 4.70
C MET C 168 -10.43 15.05 4.39
N PHE C 169 -9.73 13.93 4.47
CA PHE C 169 -10.34 12.62 4.20
C PHE C 169 -10.47 11.77 5.46
N ASP C 170 -11.69 11.36 5.76
CA ASP C 170 -11.96 10.46 6.89
C ASP C 170 -12.27 9.05 6.42
N VAL C 171 -11.79 8.05 7.16
CA VAL C 171 -11.91 6.64 6.75
C VAL C 171 -12.40 5.69 7.86
N GLY C 172 -12.80 4.49 7.44
CA GLY C 172 -13.18 3.44 8.37
C GLY C 172 -11.94 2.73 8.87
N GLY C 173 -11.88 2.47 10.18
CA GLY C 173 -10.67 1.90 10.79
C GLY C 173 -10.66 0.40 10.92
N GLN C 174 -11.81 -0.23 10.74
CA GLN C 174 -11.91 -1.68 10.96
C GLN C 174 -11.15 -2.43 9.88
N ARG C 175 -10.63 -3.61 10.25
CA ARG C 175 -9.87 -4.44 9.32
C ARG C 175 -10.47 -4.39 7.94
N SER C 176 -11.74 -4.74 7.84
CA SER C 176 -12.48 -4.81 6.57
C SER C 176 -12.38 -3.55 5.70
N GLU C 177 -12.20 -2.40 6.34
CA GLU C 177 -12.22 -1.10 5.67
C GLU C 177 -10.88 -0.72 5.05
N ARG C 178 -9.81 -1.31 5.54
CA ARG C 178 -8.46 -0.82 5.25
C ARG C 178 -7.99 -1.11 3.82
N LYS C 179 -8.63 -2.09 3.18
CA LYS C 179 -8.42 -2.32 1.75
C LYS C 179 -8.60 -1.02 0.95
N LYS C 180 -9.49 -0.15 1.42
CA LYS C 180 -9.93 1.00 0.66
C LYS C 180 -9.07 2.24 0.87
N TRP C 181 -8.12 2.21 1.80
CA TRP C 181 -7.32 3.41 2.11
C TRP C 181 -6.50 3.86 0.91
N ILE C 182 -6.08 2.89 0.11
CA ILE C 182 -5.27 3.14 -1.05
C ILE C 182 -5.95 4.03 -2.12
N HIS C 183 -7.25 4.29 -1.95
CA HIS C 183 -7.95 5.21 -2.84
C HIS C 183 -7.69 6.71 -2.58
N CYS C 184 -7.02 7.03 -1.47
CA CYS C 184 -6.73 8.42 -1.13
C CYS C 184 -5.26 8.64 -0.76
N PHE C 185 -4.37 7.95 -1.47
CA PHE C 185 -2.95 7.94 -1.09
C PHE C 185 -2.05 8.78 -1.98
N GLU C 186 -2.54 9.23 -3.13
CA GLU C 186 -1.73 10.06 -4.03
C GLU C 186 -1.76 11.53 -3.59
N GLY C 187 -0.58 12.15 -3.51
CA GLY C 187 -0.47 13.56 -3.13
C GLY C 187 -0.98 13.92 -1.74
N VAL C 188 -0.72 13.04 -0.77
CA VAL C 188 -1.04 13.34 0.63
C VAL C 188 -0.03 14.36 1.15
N THR C 189 -0.49 15.27 2.01
CA THR C 189 0.37 16.31 2.62
C THR C 189 0.56 16.07 4.11
N ALA C 190 -0.48 15.57 4.77
CA ALA C 190 -0.40 15.24 6.18
C ALA C 190 -1.32 14.09 6.54
N ILE C 191 -0.80 13.20 7.37
CA ILE C 191 -1.59 12.15 8.00
C ILE C 191 -1.77 12.50 9.46
N ILE C 192 -2.99 12.36 9.96
CA ILE C 192 -3.20 12.33 11.41
C ILE C 192 -3.60 10.92 11.77
N PHE C 193 -2.67 10.21 12.38
CA PHE C 193 -2.95 8.88 12.87
C PHE C 193 -3.47 8.97 14.29
N CYS C 194 -4.72 8.57 14.49
CA CYS C 194 -5.32 8.55 15.84
C CYS C 194 -5.06 7.26 16.61
N VAL C 195 -4.88 7.37 17.91
CA VAL C 195 -4.79 6.18 18.75
C VAL C 195 -5.61 6.35 20.00
N ALA C 196 -6.22 5.27 20.46
CA ALA C 196 -7.05 5.31 21.65
C ALA C 196 -6.22 4.84 22.83
N LEU C 197 -5.64 5.77 23.57
CA LEU C 197 -4.87 5.43 24.78
C LEU C 197 -5.62 4.42 25.66
N SER C 198 -6.93 4.55 25.72
CA SER C 198 -7.76 3.71 26.59
C SER C 198 -8.03 2.34 26.01
N ASP C 199 -7.52 2.06 24.80
CA ASP C 199 -7.70 0.77 24.16
C ASP C 199 -6.72 -0.29 24.66
N TYR C 200 -5.87 0.05 25.62
CA TYR C 200 -4.80 -0.85 26.01
C TYR C 200 -5.28 -2.22 26.55
N ASP C 201 -6.43 -2.25 27.23
CA ASP C 201 -6.90 -3.51 27.82
C ASP C 201 -8.16 -4.06 27.15
N LEU C 202 -8.48 -3.53 25.97
CA LEU C 202 -9.64 -3.98 25.20
C LEU C 202 -9.15 -4.91 24.10
N VAL C 203 -10.08 -5.65 23.49
CA VAL C 203 -9.77 -6.48 22.32
C VAL C 203 -10.60 -6.00 21.13
N LEU C 204 -10.14 -6.33 19.91
CA LEU C 204 -10.80 -5.88 18.69
C LEU C 204 -12.23 -6.40 18.60
N ALA C 205 -13.13 -5.53 18.16
CA ALA C 205 -14.51 -5.92 17.97
C ALA C 205 -14.59 -6.98 16.86
N GLU C 206 -13.72 -6.85 15.86
CA GLU C 206 -13.71 -7.79 14.73
C GLU C 206 -12.82 -9.01 14.95
N ASP C 207 -12.06 -9.02 16.04
CA ASP C 207 -11.20 -10.17 16.39
C ASP C 207 -10.99 -10.22 17.91
N GLU C 208 -11.92 -10.87 18.61
CA GLU C 208 -11.87 -10.95 20.08
C GLU C 208 -10.54 -11.47 20.65
N GLU C 209 -9.69 -12.05 19.79
CA GLU C 209 -8.40 -12.63 20.19
C GLU C 209 -7.18 -11.68 19.98
N MET C 210 -7.42 -10.42 19.62
CA MET C 210 -6.32 -9.46 19.53
C MET C 210 -6.58 -8.16 20.26
N ASN C 211 -5.57 -7.75 21.02
CA ASN C 211 -5.56 -6.50 21.75
C ASN C 211 -5.52 -5.29 20.81
N ARG C 212 -6.37 -4.32 21.09
CA ARG C 212 -6.53 -3.15 20.22
C ARG C 212 -5.29 -2.27 20.11
N MET C 213 -4.49 -2.20 21.17
CA MET C 213 -3.26 -1.41 21.15
C MET C 213 -2.24 -2.02 20.20
N HIS C 214 -2.07 -3.33 20.28
CA HIS C 214 -1.18 -4.06 19.40
C HIS C 214 -1.55 -3.84 17.93
N GLU C 215 -2.83 -4.07 17.61
CA GLU C 215 -3.35 -3.83 16.25
C GLU C 215 -2.97 -2.44 15.76
N SER C 216 -3.13 -1.46 16.65
CA SER C 216 -2.87 -0.07 16.35
C SER C 216 -1.38 0.22 16.20
N MET C 217 -0.56 -0.43 17.03
CA MET C 217 0.89 -0.39 16.87
C MET C 217 1.30 -0.97 15.51
N LYS C 218 0.71 -2.10 15.14
CA LYS C 218 1.07 -2.77 13.89
C LYS C 218 0.63 -1.95 12.71
N LEU C 219 -0.43 -1.16 12.90
CA LEU C 219 -0.97 -0.32 11.83
C LEU C 219 -0.15 0.95 11.67
N PHE C 220 0.23 1.56 12.80
CA PHE C 220 1.07 2.76 12.78
C PHE C 220 2.41 2.42 12.12
N ASP C 221 3.02 1.34 12.60
CA ASP C 221 4.24 0.78 12.02
C ASP C 221 4.21 0.82 10.49
N SER C 222 3.16 0.26 9.91
CA SER C 222 3.02 0.23 8.46
C SER C 222 2.92 1.62 7.81
N ILE C 223 2.15 2.53 8.39
CA ILE C 223 2.01 3.87 7.82
C ILE C 223 3.31 4.66 7.99
N CYS C 224 3.74 4.73 9.24
CA CYS C 224 4.93 5.42 9.65
C CYS C 224 6.15 5.06 8.79
N ASN C 225 6.38 3.76 8.64
CA ASN C 225 7.58 3.24 7.97
C ASN C 225 7.39 3.01 6.49
N ASN C 226 6.15 3.02 6.01
CA ASN C 226 5.93 2.98 4.57
C ASN C 226 6.45 4.28 3.99
N LYS C 227 7.35 4.17 3.02
CA LYS C 227 7.82 5.34 2.29
C LYS C 227 6.63 5.84 1.45
N TRP C 228 6.89 6.66 0.45
CA TRP C 228 5.80 7.41 -0.18
C TRP C 228 5.34 8.48 0.82
N PHE C 229 5.18 8.09 2.08
CA PHE C 229 4.87 9.01 3.17
C PHE C 229 6.09 9.59 3.89
N THR C 230 7.28 9.47 3.29
CA THR C 230 8.41 10.27 3.76
C THR C 230 8.13 11.72 3.42
N ASP C 231 7.53 11.96 2.26
CA ASP C 231 7.14 13.30 1.83
C ASP C 231 6.06 13.98 2.71
N THR C 232 5.23 13.18 3.37
CA THR C 232 4.08 13.71 4.11
C THR C 232 4.37 13.84 5.62
N SER C 233 3.76 14.84 6.25
CA SER C 233 3.94 15.08 7.67
C SER C 233 3.08 14.12 8.47
N ILE C 234 3.71 13.21 9.19
CA ILE C 234 2.97 12.26 10.00
C ILE C 234 2.77 12.82 11.38
N ILE C 235 1.51 12.96 11.77
CA ILE C 235 1.11 13.39 13.12
C ILE C 235 0.43 12.24 13.87
N LEU C 236 0.78 12.10 15.14
CA LEU C 236 0.23 11.06 16.00
C LEU C 236 -0.67 11.69 17.08
N PHE C 237 -1.97 11.42 17.02
CA PHE C 237 -2.94 11.87 18.02
C PHE C 237 -3.20 10.79 19.04
N LEU C 238 -2.57 10.90 20.20
CA LEU C 238 -2.78 9.93 21.28
C LEU C 238 -4.05 10.30 22.04
N ASN C 239 -5.16 9.70 21.64
CA ASN C 239 -6.49 10.22 21.95
C ASN C 239 -7.14 9.54 23.17
N LYS C 240 -8.39 9.93 23.47
CA LYS C 240 -9.13 9.41 24.63
C LYS C 240 -8.30 9.48 25.90
N LYS C 241 -7.55 10.57 26.08
CA LYS C 241 -6.67 10.71 27.25
C LYS C 241 -7.46 10.82 28.54
N ASP C 242 -8.61 11.50 28.47
CA ASP C 242 -9.57 11.53 29.58
C ASP C 242 -10.01 10.13 30.01
N LEU C 243 -10.48 9.29 29.07
CA LEU C 243 -10.87 7.91 29.39
C LEU C 243 -9.71 7.12 30.00
N PHE C 244 -8.53 7.31 29.42
CA PHE C 244 -7.34 6.64 29.89
C PHE C 244 -6.99 7.03 31.33
N GLU C 245 -7.12 8.31 31.64
CA GLU C 245 -6.73 8.85 32.93
C GLU C 245 -7.53 8.27 34.09
N GLU C 246 -8.78 7.92 33.84
CA GLU C 246 -9.67 7.35 34.85
C GLU C 246 -9.63 5.82 34.87
N LYS C 247 -9.04 5.25 33.82
CA LYS C 247 -9.01 3.82 33.61
C LYS C 247 -7.70 3.19 34.15
N ILE C 248 -6.63 3.98 34.13
CA ILE C 248 -5.27 3.45 34.30
C ILE C 248 -4.98 2.96 35.71
N LYS C 249 -5.47 3.66 36.73
CA LYS C 249 -5.30 3.23 38.12
C LYS C 249 -6.26 2.10 38.51
N LYS C 250 -7.12 1.70 37.57
CA LYS C 250 -8.10 0.65 37.80
C LYS C 250 -7.77 -0.63 37.01
N SER C 251 -7.18 -0.49 35.83
CA SER C 251 -6.84 -1.64 34.97
C SER C 251 -5.38 -1.55 34.54
N PRO C 252 -4.53 -2.53 34.93
CA PRO C 252 -3.08 -2.38 34.76
C PRO C 252 -2.57 -2.47 33.32
N LEU C 253 -1.55 -1.68 32.98
CA LEU C 253 -1.00 -1.61 31.61
C LEU C 253 -0.35 -2.91 31.17
N THR C 254 0.13 -3.68 32.16
CA THR C 254 0.70 -5.01 31.91
C THR C 254 -0.23 -5.98 31.15
N ILE C 255 -1.51 -5.66 31.04
CA ILE C 255 -2.43 -6.44 30.18
C ILE C 255 -2.04 -6.24 28.73
N CYS C 256 -1.57 -5.05 28.41
CA CYS C 256 -1.11 -4.76 27.07
C CYS C 256 0.38 -5.08 26.94
N TYR C 257 1.17 -4.71 27.94
CA TYR C 257 2.62 -4.83 27.89
C TYR C 257 3.13 -5.57 29.13
N PRO C 258 3.07 -6.91 29.10
CA PRO C 258 3.49 -7.72 30.25
C PRO C 258 4.87 -7.36 30.81
N GLU C 259 5.77 -6.90 29.95
CA GLU C 259 7.13 -6.52 30.36
C GLU C 259 7.25 -5.05 30.86
N TYR C 260 6.12 -4.42 31.16
CA TYR C 260 6.14 -3.05 31.65
C TYR C 260 6.45 -3.01 33.15
N ALA C 261 7.50 -2.26 33.50
CA ALA C 261 8.00 -2.20 34.89
C ALA C 261 7.49 -1.00 35.70
N GLY C 262 6.95 0.01 35.03
CA GLY C 262 6.46 1.22 35.71
C GLY C 262 5.19 1.03 36.51
N SER C 263 4.78 2.07 37.23
CA SER C 263 3.55 2.01 37.99
C SER C 263 2.36 2.31 37.08
N ASN C 264 1.17 1.92 37.53
CA ASN C 264 -0.05 2.20 36.78
C ASN C 264 -0.59 3.60 37.08
N THR C 265 0.10 4.61 36.56
CA THR C 265 -0.24 6.01 36.73
C THR C 265 -0.37 6.67 35.37
N TYR C 266 -1.09 7.78 35.30
CA TYR C 266 -1.25 8.49 34.03
C TYR C 266 0.08 8.84 33.38
N GLU C 267 0.94 9.58 34.09
CA GLU C 267 2.15 10.14 33.51
C GLU C 267 3.11 9.08 32.95
N GLU C 268 3.29 8.00 33.70
CA GLU C 268 4.27 6.97 33.37
C GLU C 268 3.73 5.99 32.35
N ALA C 269 2.49 5.55 32.55
CA ALA C 269 1.85 4.65 31.60
C ALA C 269 1.73 5.33 30.23
N ALA C 270 1.24 6.56 30.21
CA ALA C 270 1.07 7.33 28.98
C ALA C 270 2.38 7.59 28.27
N ALA C 271 3.41 7.93 29.04
CA ALA C 271 4.72 8.12 28.44
C ALA C 271 5.13 6.82 27.75
N TYR C 272 4.91 5.70 28.45
CA TYR C 272 5.36 4.41 27.98
C TYR C 272 4.72 4.08 26.65
N ILE C 273 3.42 4.34 26.55
CA ILE C 273 2.71 4.13 25.30
C ILE C 273 3.25 5.06 24.21
N GLN C 274 3.52 6.32 24.54
CA GLN C 274 4.03 7.23 23.51
C GLN C 274 5.34 6.72 22.92
N CYS C 275 6.17 6.10 23.76
CA CYS C 275 7.46 5.61 23.30
C CYS C 275 7.35 4.32 22.50
N GLN C 276 6.46 3.42 22.92
CA GLN C 276 6.23 2.19 22.17
C GLN C 276 5.93 2.52 20.73
N PHE C 277 5.06 3.50 20.50
CA PHE C 277 4.71 3.92 19.15
C PHE C 277 5.86 4.65 18.49
N GLU C 278 6.38 5.68 19.15
CA GLU C 278 7.42 6.49 18.55
C GLU C 278 8.61 5.63 18.15
N ASP C 279 8.93 4.62 18.96
CA ASP C 279 10.05 3.71 18.66
C ASP C 279 9.79 2.75 17.48
N LEU C 280 8.61 2.76 16.88
CA LEU C 280 8.38 1.98 15.66
C LEU C 280 8.99 2.66 14.43
N ASN C 281 9.32 3.94 14.55
CA ASN C 281 9.93 4.70 13.45
C ASN C 281 11.36 4.26 13.23
N LYS C 282 11.64 3.69 12.07
CA LYS C 282 12.98 3.20 11.76
C LYS C 282 13.91 4.30 11.27
N ARG C 283 13.35 5.41 10.77
CA ARG C 283 14.14 6.55 10.32
C ARG C 283 14.08 7.70 11.32
N LYS C 284 14.36 7.40 12.59
CA LYS C 284 14.38 8.44 13.64
C LYS C 284 15.30 9.59 13.22
N ASP C 285 16.46 9.23 12.67
CA ASP C 285 17.44 10.21 12.23
C ASP C 285 16.92 11.22 11.21
N THR C 286 15.91 10.83 10.42
CA THR C 286 15.42 11.69 9.32
C THR C 286 13.91 11.90 9.27
N LYS C 287 13.15 11.07 9.96
CA LYS C 287 11.68 11.19 9.98
C LYS C 287 11.22 11.61 11.39
N GLU C 288 10.40 12.66 11.45
CA GLU C 288 9.88 13.14 12.73
C GLU C 288 8.40 12.78 12.88
N ILE C 289 8.03 12.29 14.08
CA ILE C 289 6.64 12.08 14.43
C ILE C 289 6.20 13.22 15.33
N TYR C 290 5.18 13.96 14.93
CA TYR C 290 4.69 15.10 15.68
C TYR C 290 3.51 14.65 16.55
N THR C 291 3.77 14.44 17.84
CA THR C 291 2.84 13.75 18.71
C THR C 291 2.12 14.70 19.65
N HIS C 292 0.83 14.45 19.84
CA HIS C 292 0.00 15.22 20.74
C HIS C 292 -0.99 14.32 21.49
N PHE C 293 -1.17 14.63 22.77
CA PHE C 293 -2.16 13.94 23.58
C PHE C 293 -3.44 14.73 23.50
N THR C 294 -4.50 14.10 22.98
CA THR C 294 -5.75 14.81 22.73
C THR C 294 -6.96 14.23 23.47
N CYS C 295 -8.05 14.98 23.37
CA CYS C 295 -9.38 14.55 23.74
C CYS C 295 -10.34 15.03 22.63
N ALA C 296 -10.50 14.19 21.60
CA ALA C 296 -11.21 14.55 20.37
C ALA C 296 -12.56 15.23 20.61
N THR C 297 -13.27 14.78 21.65
CA THR C 297 -14.54 15.41 22.04
C THR C 297 -14.42 16.77 22.75
N ASP C 298 -13.21 17.29 22.93
CA ASP C 298 -12.94 18.52 23.67
C ASP C 298 -12.47 19.64 22.73
N THR C 299 -13.40 20.49 22.29
CA THR C 299 -13.15 21.48 21.22
C THR C 299 -11.95 22.41 21.48
N LYS C 300 -11.91 23.07 22.63
CA LYS C 300 -10.78 23.96 22.96
C LYS C 300 -9.45 23.27 22.72
N ASN C 301 -9.31 22.07 23.26
CA ASN C 301 -8.10 21.26 23.07
C ASN C 301 -7.81 20.95 21.61
N VAL C 302 -8.84 20.61 20.85
CA VAL C 302 -8.67 20.19 19.46
C VAL C 302 -8.35 21.41 18.59
N GLN C 303 -8.98 22.54 18.90
CA GLN C 303 -8.63 23.82 18.28
C GLN C 303 -7.12 24.13 18.43
N PHE C 304 -6.61 23.95 19.64
CA PHE C 304 -5.23 24.32 19.99
C PHE C 304 -4.21 23.34 19.43
N VAL C 305 -4.58 22.07 19.37
CA VAL C 305 -3.70 21.05 18.82
C VAL C 305 -3.62 21.20 17.31
N PHE C 306 -4.78 21.32 16.66
CA PHE C 306 -4.83 21.49 15.21
C PHE C 306 -4.22 22.82 14.80
N ASP C 307 -4.19 23.76 15.72
CA ASP C 307 -3.41 24.99 15.55
C ASP C 307 -1.92 24.61 15.44
N ALA C 308 -1.44 23.87 16.45
CA ALA C 308 -0.06 23.37 16.48
C ALA C 308 0.30 22.57 15.23
N VAL C 309 -0.57 21.62 14.88
CA VAL C 309 -0.37 20.80 13.70
C VAL C 309 -0.25 21.65 12.46
N THR C 310 -1.14 22.62 12.34
CA THR C 310 -1.23 23.44 11.14
C THR C 310 0.00 24.34 10.95
N ASP C 311 0.53 24.86 12.04
CA ASP C 311 1.83 25.55 11.99
C ASP C 311 2.87 24.61 11.40
N VAL C 312 2.94 23.38 11.92
CA VAL C 312 3.92 22.39 11.48
C VAL C 312 3.83 22.11 9.99
N ILE C 313 2.60 22.02 9.47
CA ILE C 313 2.35 21.84 8.03
C ILE C 313 2.82 23.04 7.20
N ILE C 314 2.79 24.24 7.79
CA ILE C 314 3.24 25.46 7.11
C ILE C 314 4.76 25.54 7.04
N LYS C 315 5.44 25.04 8.08
CA LYS C 315 6.90 24.98 8.09
C LYS C 315 7.40 23.90 7.11
N ASN C 316 6.75 22.73 7.13
CA ASN C 316 7.13 21.58 6.29
C ASN C 316 6.85 21.69 4.78
N ASN C 317 6.17 22.76 4.36
CA ASN C 317 5.77 22.93 2.96
C ASN C 317 6.41 24.16 2.30
N LEU C 318 7.44 24.71 2.92
CA LEU C 318 8.08 25.92 2.42
C LEU C 318 9.45 26.16 3.05
N PHE D 5 -43.39 7.80 -9.85
CA PHE D 5 -41.95 7.94 -9.47
C PHE D 5 -41.70 9.15 -8.54
N SER D 6 -42.62 10.12 -8.53
CA SER D 6 -42.53 11.28 -7.65
C SER D 6 -42.63 10.88 -6.17
N GLU D 7 -43.59 10.00 -5.87
CA GLU D 7 -43.78 9.47 -4.52
C GLU D 7 -42.61 8.61 -4.08
N ASP D 8 -41.94 7.98 -5.06
CA ASP D 8 -40.76 7.17 -4.79
C ASP D 8 -39.60 8.05 -4.30
N VAL D 9 -39.18 9.01 -5.12
CA VAL D 9 -38.03 9.86 -4.81
C VAL D 9 -38.23 10.69 -3.52
N LEU D 10 -39.43 11.22 -3.36
CA LEU D 10 -39.79 11.94 -2.14
C LEU D 10 -39.79 11.01 -0.91
N GLY D 11 -40.22 9.76 -1.11
CA GLY D 11 -40.32 8.79 -0.02
C GLY D 11 -39.00 8.28 0.55
N TRP D 12 -37.93 8.41 -0.22
CA TRP D 12 -36.62 7.94 0.22
C TRP D 12 -36.03 8.77 1.36
N ARG D 13 -36.49 10.01 1.50
CA ARG D 13 -36.04 10.89 2.58
C ARG D 13 -36.79 10.58 3.87
N GLU D 14 -38.08 10.27 3.75
CA GLU D 14 -38.91 9.97 4.91
C GLU D 14 -38.53 8.65 5.59
N SER D 15 -38.14 7.65 4.80
CA SER D 15 -37.86 6.31 5.35
C SER D 15 -36.87 5.52 4.51
N PHE D 16 -35.94 4.85 5.18
CA PHE D 16 -34.90 4.05 4.54
C PHE D 16 -35.44 2.74 3.92
N ASP D 17 -36.63 2.31 4.35
CA ASP D 17 -37.29 1.14 3.75
C ASP D 17 -37.82 1.42 2.35
N LEU D 18 -38.36 2.62 2.14
CA LEU D 18 -38.88 3.00 0.82
C LEU D 18 -37.73 3.08 -0.18
N LEU D 19 -36.60 3.60 0.27
CA LEU D 19 -35.37 3.61 -0.51
C LEU D 19 -34.99 2.20 -0.93
N LEU D 20 -35.03 1.29 0.04
CA LEU D 20 -34.68 -0.12 -0.18
C LEU D 20 -35.84 -0.96 -0.74
N SER D 21 -36.91 -0.29 -1.20
CA SER D 21 -38.06 -1.00 -1.77
C SER D 21 -38.31 -0.58 -3.21
N SER D 22 -37.30 0.02 -3.85
CA SER D 22 -37.44 0.49 -5.23
C SER D 22 -36.14 0.30 -6.01
N LYS D 23 -36.26 -0.17 -7.23
CA LYS D 23 -35.09 -0.43 -8.06
C LYS D 23 -34.31 0.87 -8.33
N ASN D 24 -35.03 1.97 -8.60
CA ASN D 24 -34.39 3.28 -8.80
C ASN D 24 -33.79 3.86 -7.52
N GLY D 25 -34.38 3.53 -6.37
CA GLY D 25 -33.85 3.96 -5.06
C GLY D 25 -32.58 3.23 -4.69
N VAL D 26 -32.57 1.93 -4.93
CA VAL D 26 -31.38 1.11 -4.71
C VAL D 26 -30.25 1.42 -5.74
N ALA D 27 -30.60 1.59 -7.01
CA ALA D 27 -29.62 1.94 -8.06
C ALA D 27 -28.95 3.31 -7.86
N ALA D 28 -29.73 4.31 -7.46
CA ALA D 28 -29.20 5.65 -7.22
C ALA D 28 -28.40 5.68 -5.93
N PHE D 29 -28.82 4.89 -4.93
CA PHE D 29 -28.08 4.77 -3.67
C PHE D 29 -26.78 4.00 -3.84
N HIS D 30 -26.73 3.10 -4.81
CA HIS D 30 -25.51 2.35 -5.14
C HIS D 30 -24.46 3.27 -5.76
N ALA D 31 -24.86 4.07 -6.76
CA ALA D 31 -23.95 5.03 -7.40
C ALA D 31 -23.27 5.93 -6.36
N PHE D 32 -24.01 6.31 -5.33
CA PHE D 32 -23.48 7.12 -4.23
C PHE D 32 -22.43 6.37 -3.42
N LEU D 33 -22.74 5.14 -3.03
CA LEU D 33 -21.79 4.33 -2.26
C LEU D 33 -20.46 4.10 -2.99
N LYS D 34 -20.52 3.97 -4.33
CA LYS D 34 -19.30 3.91 -5.12
C LYS D 34 -18.41 5.10 -4.84
N THR D 35 -19.00 6.30 -4.80
CA THR D 35 -18.21 7.52 -4.62
C THR D 35 -17.54 7.60 -3.26
N GLU D 36 -18.09 6.87 -2.28
CA GLU D 36 -17.51 6.74 -0.94
C GLU D 36 -16.98 5.33 -0.66
N PHE D 37 -16.73 4.54 -1.71
CA PHE D 37 -16.14 3.20 -1.59
C PHE D 37 -16.71 2.32 -0.44
N SER D 38 -18.03 2.31 -0.27
CA SER D 38 -18.69 1.41 0.67
C SER D 38 -19.91 0.72 0.05
N GLU D 39 -19.85 0.47 -1.25
CA GLU D 39 -20.99 -0.12 -1.98
C GLU D 39 -21.18 -1.60 -1.67
N GLU D 40 -20.13 -2.21 -1.11
CA GLU D 40 -20.16 -3.63 -0.75
C GLU D 40 -21.30 -3.89 0.21
N ASN D 41 -21.51 -2.97 1.13
CA ASN D 41 -22.62 -3.08 2.07
C ASN D 41 -23.93 -3.33 1.35
N LEU D 42 -24.21 -2.51 0.33
CA LEU D 42 -25.46 -2.62 -0.42
C LEU D 42 -25.48 -3.89 -1.27
N GLU D 43 -24.36 -4.23 -1.88
CA GLU D 43 -24.27 -5.44 -2.71
C GLU D 43 -24.50 -6.70 -1.87
N PHE D 44 -23.93 -6.74 -0.66
CA PHE D 44 -24.21 -7.84 0.27
C PHE D 44 -25.69 -7.94 0.57
N TRP D 45 -26.33 -6.80 0.84
CA TRP D 45 -27.74 -6.77 1.23
C TRP D 45 -28.64 -7.35 0.14
N LEU D 46 -28.45 -6.86 -1.08
CA LEU D 46 -29.11 -7.38 -2.27
C LEU D 46 -28.81 -8.86 -2.53
N ALA D 47 -27.60 -9.28 -2.19
CA ALA D 47 -27.20 -10.68 -2.34
C ALA D 47 -27.97 -11.59 -1.40
N CYS D 48 -28.21 -11.10 -0.18
CA CYS D 48 -29.01 -11.82 0.82
C CYS D 48 -30.48 -11.96 0.43
N GLU D 49 -31.02 -10.95 -0.26
CA GLU D 49 -32.40 -10.99 -0.69
C GLU D 49 -32.60 -12.09 -1.74
N GLU D 50 -31.81 -12.08 -2.81
CA GLU D 50 -31.88 -13.13 -3.82
C GLU D 50 -31.63 -14.52 -3.22
N PHE D 51 -30.75 -14.57 -2.21
CA PHE D 51 -30.41 -15.82 -1.54
C PHE D 51 -31.61 -16.42 -0.80
N LYS D 52 -32.38 -15.59 -0.10
CA LYS D 52 -33.49 -16.11 0.70
C LYS D 52 -34.71 -16.53 -0.13
N LYS D 53 -34.71 -16.21 -1.43
CA LYS D 53 -35.70 -16.74 -2.37
C LYS D 53 -35.41 -18.19 -2.79
N ILE D 54 -34.23 -18.71 -2.44
CA ILE D 54 -33.83 -20.05 -2.86
C ILE D 54 -34.51 -21.10 -1.99
N ARG D 55 -35.22 -22.02 -2.62
CA ARG D 55 -35.90 -23.12 -1.93
C ARG D 55 -35.03 -24.38 -1.88
N SER D 56 -34.31 -24.66 -2.97
CA SER D 56 -33.41 -25.80 -3.05
C SER D 56 -32.30 -25.78 -1.98
N ALA D 57 -32.03 -26.93 -1.35
CA ALA D 57 -31.04 -27.04 -0.27
C ALA D 57 -29.59 -27.07 -0.79
N THR D 58 -29.38 -27.70 -1.94
CA THR D 58 -28.05 -27.79 -2.55
C THR D 58 -27.62 -26.45 -3.14
N LYS D 59 -28.56 -25.77 -3.81
CA LYS D 59 -28.29 -24.45 -4.37
C LYS D 59 -28.22 -23.37 -3.29
N LEU D 60 -28.80 -23.64 -2.12
CA LEU D 60 -28.59 -22.79 -0.94
C LEU D 60 -27.13 -22.87 -0.49
N ALA D 61 -26.64 -24.09 -0.31
CA ALA D 61 -25.26 -24.32 0.11
C ALA D 61 -24.24 -23.64 -0.82
N SER D 62 -24.37 -23.87 -2.14
CA SER D 62 -23.42 -23.31 -3.09
C SER D 62 -23.42 -21.79 -3.03
N ARG D 63 -24.60 -21.17 -3.06
CA ARG D 63 -24.70 -19.71 -3.01
C ARG D 63 -24.30 -19.19 -1.62
N ALA D 64 -24.56 -19.97 -0.58
CA ALA D 64 -24.14 -19.61 0.78
C ALA D 64 -22.62 -19.46 0.85
N HIS D 65 -21.90 -20.46 0.39
CA HIS D 65 -20.43 -20.41 0.43
C HIS D 65 -19.88 -19.29 -0.46
N GLN D 66 -20.43 -19.14 -1.67
CA GLN D 66 -20.04 -18.04 -2.59
C GLN D 66 -20.14 -16.67 -1.92
N ILE D 67 -21.24 -16.44 -1.20
CA ILE D 67 -21.49 -15.17 -0.49
C ILE D 67 -20.55 -15.03 0.72
N PHE D 68 -20.41 -16.10 1.49
CA PHE D 68 -19.47 -16.08 2.60
C PHE D 68 -18.08 -15.74 2.10
N GLU D 69 -17.67 -16.41 1.03
CA GLU D 69 -16.31 -16.24 0.48
C GLU D 69 -16.10 -14.85 -0.16
N GLU D 70 -17.18 -14.16 -0.49
CA GLU D 70 -17.12 -12.87 -1.19
C GLU D 70 -17.21 -11.66 -0.27
N PHE D 71 -18.02 -11.78 0.79
CA PHE D 71 -18.48 -10.66 1.58
C PHE D 71 -18.14 -10.73 3.08
N ILE D 72 -18.22 -11.92 3.66
CA ILE D 72 -18.00 -12.06 5.09
C ILE D 72 -16.54 -12.25 5.47
N CYS D 73 -15.93 -13.25 4.85
CA CYS D 73 -14.71 -13.85 5.40
C CYS D 73 -13.50 -12.93 5.39
N SER D 74 -12.57 -13.22 6.29
CA SER D 74 -11.34 -12.46 6.44
C SER D 74 -10.72 -12.14 5.08
N GLU D 75 -10.39 -10.87 4.87
CA GLU D 75 -10.02 -10.35 3.54
C GLU D 75 -10.81 -11.04 2.41
N ALA D 76 -12.12 -11.03 2.53
CA ALA D 76 -12.99 -11.30 1.40
C ALA D 76 -12.82 -10.10 0.45
N PRO D 77 -12.98 -10.31 -0.86
CA PRO D 77 -12.76 -9.20 -1.79
C PRO D 77 -13.70 -8.01 -1.60
N LYS D 78 -14.87 -8.27 -1.03
CA LYS D 78 -15.81 -7.21 -0.68
C LYS D 78 -16.26 -7.39 0.76
N GLU D 79 -15.27 -7.49 1.66
CA GLU D 79 -15.53 -7.77 3.07
C GLU D 79 -16.43 -6.69 3.69
N VAL D 80 -17.44 -7.13 4.43
CA VAL D 80 -18.37 -6.21 5.07
C VAL D 80 -17.99 -5.98 6.52
N ASN D 81 -18.25 -4.76 6.97
CA ASN D 81 -17.83 -4.35 8.31
C ASN D 81 -18.77 -4.95 9.38
N ILE D 82 -18.47 -6.18 9.78
CA ILE D 82 -19.27 -6.84 10.83
C ILE D 82 -18.35 -7.32 11.94
N ASP D 83 -18.83 -7.25 13.16
CA ASP D 83 -18.04 -7.66 14.30
C ASP D 83 -17.77 -9.16 14.28
N HIS D 84 -16.96 -9.61 15.22
CA HIS D 84 -16.55 -11.00 15.31
C HIS D 84 -17.76 -11.92 15.53
N GLU D 85 -18.67 -11.52 16.42
CA GLU D 85 -19.85 -12.31 16.76
C GLU D 85 -20.71 -12.62 15.53
N THR D 86 -21.13 -11.57 14.83
CA THR D 86 -21.93 -11.73 13.63
C THR D 86 -21.23 -12.63 12.58
N ARG D 87 -19.92 -12.44 12.40
CA ARG D 87 -19.15 -13.25 11.48
C ARG D 87 -19.14 -14.71 11.94
N GLU D 88 -18.77 -14.92 13.22
CA GLU D 88 -18.73 -16.24 13.80
C GLU D 88 -20.07 -16.94 13.64
N LEU D 89 -21.16 -16.17 13.77
CA LEU D 89 -22.51 -16.71 13.68
C LEU D 89 -22.86 -17.16 12.27
N THR D 90 -22.59 -16.29 11.29
CA THR D 90 -22.74 -16.63 9.87
C THR D 90 -22.00 -17.93 9.51
N ARG D 91 -20.80 -18.06 10.05
CA ARG D 91 -19.97 -19.25 9.86
C ARG D 91 -20.61 -20.51 10.48
N MET D 92 -21.30 -20.35 11.61
CA MET D 92 -22.04 -21.47 12.20
C MET D 92 -23.27 -21.79 11.37
N ASN D 93 -23.89 -20.74 10.79
CA ASN D 93 -25.04 -20.92 9.90
C ASN D 93 -24.66 -21.56 8.57
N LEU D 94 -23.51 -21.18 8.03
CA LEU D 94 -23.04 -21.70 6.73
C LEU D 94 -22.83 -23.22 6.75
N GLN D 95 -22.71 -23.82 7.93
CA GLN D 95 -22.62 -25.28 8.07
C GLN D 95 -23.79 -25.97 7.37
N THR D 96 -24.99 -25.51 7.68
CA THR D 96 -26.20 -26.06 7.08
C THR D 96 -27.01 -24.91 6.48
N ALA D 97 -26.59 -24.48 5.29
CA ALA D 97 -27.15 -23.30 4.62
C ALA D 97 -28.66 -23.38 4.38
N THR D 98 -29.42 -22.70 5.24
CA THR D 98 -30.85 -22.47 5.06
C THR D 98 -31.06 -21.01 4.68
N ALA D 99 -32.25 -20.66 4.20
CA ALA D 99 -32.51 -19.29 3.72
C ALA D 99 -32.22 -18.20 4.76
N THR D 100 -32.24 -18.56 6.04
CA THR D 100 -32.00 -17.64 7.15
C THR D 100 -30.52 -17.37 7.43
N CYS D 101 -29.64 -17.95 6.62
CA CYS D 101 -28.21 -18.01 6.94
C CYS D 101 -27.55 -16.64 7.21
N PHE D 102 -27.93 -15.64 6.43
CA PHE D 102 -27.30 -14.32 6.50
C PHE D 102 -28.14 -13.25 7.18
N ASP D 103 -29.17 -13.65 7.92
CA ASP D 103 -30.11 -12.68 8.50
C ASP D 103 -29.51 -11.82 9.65
N ALA D 104 -28.66 -12.43 10.46
CA ALA D 104 -27.91 -11.66 11.47
C ALA D 104 -26.92 -10.68 10.84
N ALA D 105 -26.24 -11.08 9.77
CA ALA D 105 -25.25 -10.22 9.12
C ALA D 105 -25.89 -9.15 8.24
N GLN D 106 -27.03 -9.47 7.61
CA GLN D 106 -27.72 -8.50 6.77
C GLN D 106 -28.28 -7.36 7.61
N GLY D 107 -28.84 -7.72 8.77
CA GLY D 107 -29.32 -6.75 9.75
C GLY D 107 -28.26 -5.74 10.17
N LYS D 108 -27.05 -6.24 10.44
CA LYS D 108 -25.94 -5.36 10.82
C LYS D 108 -25.48 -4.49 9.63
N THR D 109 -25.38 -5.09 8.45
CA THR D 109 -25.02 -4.33 7.25
C THR D 109 -26.11 -3.29 6.93
N ARG D 110 -27.36 -3.58 7.29
CA ARG D 110 -28.45 -2.61 7.18
C ARG D 110 -28.21 -1.42 8.11
N THR D 111 -28.24 -1.68 9.42
CA THR D 111 -28.01 -0.64 10.42
C THR D 111 -26.81 0.23 10.07
N LEU D 112 -25.76 -0.39 9.54
CA LEU D 112 -24.54 0.32 9.17
C LEU D 112 -24.78 1.38 8.10
N MET D 113 -25.50 0.99 7.05
CA MET D 113 -25.87 1.90 5.96
C MET D 113 -26.83 2.98 6.46
N GLU D 114 -27.89 2.53 7.11
CA GLU D 114 -28.94 3.42 7.60
C GLU D 114 -28.42 4.52 8.52
N LYS D 115 -27.36 4.23 9.29
CA LYS D 115 -26.88 5.17 10.30
C LYS D 115 -25.74 6.08 9.83
N ASP D 116 -24.93 5.59 8.89
CA ASP D 116 -23.74 6.33 8.46
C ASP D 116 -23.95 6.98 7.10
N SER D 117 -24.06 6.14 6.07
CA SER D 117 -24.04 6.60 4.69
C SER D 117 -25.36 7.18 4.23
N TYR D 118 -26.46 6.54 4.61
CA TYR D 118 -27.80 6.96 4.19
C TYR D 118 -28.10 8.46 4.45
N PRO D 119 -27.85 8.96 5.68
CA PRO D 119 -28.02 10.39 5.95
C PRO D 119 -27.24 11.31 5.02
N ARG D 120 -26.03 10.90 4.64
CA ARG D 120 -25.20 11.65 3.71
C ARG D 120 -25.64 11.47 2.25
N PHE D 121 -26.40 10.41 1.98
CA PHE D 121 -27.05 10.26 0.68
C PHE D 121 -28.11 11.34 0.48
N LEU D 122 -28.90 11.58 1.52
CA LEU D 122 -30.01 12.52 1.46
C LEU D 122 -29.52 13.98 1.40
N LYS D 123 -28.30 14.22 1.85
CA LYS D 123 -27.66 15.53 1.72
C LYS D 123 -26.75 15.63 0.48
N SER D 124 -26.72 14.59 -0.36
CA SER D 124 -25.83 14.54 -1.52
C SER D 124 -26.34 15.40 -2.69
N PRO D 125 -25.44 15.76 -3.62
CA PRO D 125 -25.86 16.53 -4.80
C PRO D 125 -26.70 15.74 -5.80
N ALA D 126 -26.49 14.44 -5.86
CA ALA D 126 -27.23 13.57 -6.79
C ALA D 126 -28.67 13.42 -6.35
N TYR D 127 -28.88 13.22 -5.05
CA TYR D 127 -30.23 13.20 -4.50
C TYR D 127 -30.86 14.58 -4.60
N ARG D 128 -30.14 15.60 -4.13
CA ARG D 128 -30.60 16.99 -4.21
C ARG D 128 -31.07 17.43 -5.61
N ASP D 129 -30.42 16.92 -6.65
CA ASP D 129 -30.80 17.22 -8.05
C ASP D 129 -31.97 16.36 -8.55
N LEU D 130 -32.21 15.22 -7.91
CA LEU D 130 -33.31 14.32 -8.27
C LEU D 130 -34.58 14.59 -7.44
N ALA D 131 -34.41 15.21 -6.28
CA ALA D 131 -35.55 15.59 -5.43
C ALA D 131 -36.30 16.77 -6.04
N ALA D 132 -35.55 17.72 -6.60
CA ALA D 132 -36.13 18.90 -7.25
C ALA D 132 -36.84 18.57 -8.56
N GLN D 133 -36.33 17.58 -9.30
CA GLN D 133 -36.97 17.13 -10.55
C GLN D 133 -38.31 16.46 -10.26
N ALA D 134 -38.43 15.85 -9.09
CA ALA D 134 -39.67 15.21 -8.64
C ALA D 134 -40.67 16.26 -8.15
AL ALF E . 14.60 -3.09 -13.53
F1 ALF E . 13.11 -2.65 -14.39
F2 ALF E . 16.10 -3.66 -12.77
F3 ALF E . 15.52 -2.17 -14.76
F4 ALF E . 13.69 -3.90 -12.24
MG MG F . 12.98 -2.62 -16.40
S SO4 G . 50.70 1.79 -26.76
O1 SO4 G . 50.39 1.49 -28.16
O2 SO4 G . 50.97 0.57 -26.01
O3 SO4 G . 51.89 2.64 -26.74
O4 SO4 G . 49.57 2.49 -26.14
S SO4 H . 23.24 -33.79 -8.69
O1 SO4 H . 23.82 -34.88 -9.48
O2 SO4 H . 22.25 -34.31 -7.76
O3 SO4 H . 24.30 -33.10 -7.96
O4 SO4 H . 22.57 -32.88 -9.61
S SO4 I . -4.73 5.24 -13.23
O1 SO4 I . -4.99 4.66 -14.55
O2 SO4 I . -5.47 4.51 -12.21
O3 SO4 I . -3.30 5.15 -12.94
O4 SO4 I . -5.13 6.65 -13.22
S SO4 J . 3.22 11.91 -3.74
O1 SO4 J . 2.77 12.70 -4.89
O2 SO4 J . 2.27 10.82 -3.52
O3 SO4 J . 4.54 11.36 -4.03
O4 SO4 J . 3.30 12.76 -2.55
PB GDP K . 13.76 -5.57 -15.34
O1B GDP K . 12.81 -4.76 -16.16
O2B GDP K . 14.53 -4.67 -14.41
O3B GDP K . 13.03 -6.58 -14.47
O3A GDP K . 14.75 -6.47 -16.21
PA GDP K . 14.84 -6.48 -17.81
O1A GDP K . 15.64 -5.28 -18.29
O2A GDP K . 13.47 -6.57 -18.41
O5' GDP K . 15.65 -7.82 -18.10
C5' GDP K . 16.95 -8.01 -17.53
C4' GDP K . 17.94 -8.48 -18.60
O4' GDP K . 17.83 -9.91 -18.69
C3' GDP K . 17.70 -7.91 -20.01
O3' GDP K . 18.94 -7.67 -20.68
C2' GDP K . 16.92 -9.00 -20.72
O2' GDP K . 17.21 -9.11 -22.10
C1' GDP K . 17.34 -10.27 -19.99
N9 GDP K . 16.23 -11.21 -19.79
C8 GDP K . 15.07 -10.95 -19.16
N7 GDP K . 14.30 -12.06 -19.14
C5 GDP K . 14.97 -13.05 -19.74
C6 GDP K . 14.73 -14.46 -20.04
O6 GDP K . 13.66 -15.03 -19.72
N1 GDP K . 15.69 -15.12 -20.68
C2 GDP K . 16.85 -14.54 -21.04
N2 GDP K . 17.79 -15.28 -21.70
N3 GDP K . 17.14 -13.25 -20.79
C4 GDP K . 16.24 -12.47 -20.16
S SO4 L . 33.94 28.82 -1.88
O1 SO4 L . 34.14 28.31 -3.23
O2 SO4 L . 33.77 27.71 -0.93
O3 SO4 L . 35.09 29.63 -1.50
O4 SO4 L . 32.72 29.63 -1.85
AL ALF M . -14.70 4.06 12.83
F1 ALF M . -13.02 3.81 12.28
F2 ALF M . -16.40 4.27 13.30
F3 ALF M . -14.88 5.51 11.83
F4 ALF M . -14.58 2.62 13.88
MG MG N . -15.32 7.16 12.10
S SO4 O . -0.52 9.82 41.57
O1 SO4 O . -1.41 10.00 40.41
O2 SO4 O . -0.68 8.50 42.18
O3 SO4 O . 0.87 10.01 41.13
O4 SO4 O . -0.89 10.82 42.56
S SO4 P . -44.67 -6.78 32.33
O1 SO4 P . -44.28 -7.96 31.56
O2 SO4 P . -45.22 -7.20 33.62
O3 SO4 P . -43.50 -5.92 32.56
O4 SO4 P . -45.69 -6.05 31.58
PB GDP Q . -13.65 6.43 14.55
O1B GDP Q . -14.17 7.50 13.63
O2B GDP Q . -14.23 5.10 14.13
O3B GDP Q . -12.15 6.39 14.46
O3A GDP Q . -14.03 6.77 16.07
PA GDP Q . -15.16 7.88 16.40
O1A GDP Q . -16.46 7.48 15.76
O2A GDP Q . -14.78 9.24 15.90
O5' GDP Q . -15.23 7.84 17.99
C5' GDP Q . -15.67 6.66 18.65
C4' GDP Q . -16.41 7.03 19.92
O4' GDP Q . -15.48 7.52 20.90
C3' GDP Q . -17.42 8.13 19.70
O3' GDP Q . -18.59 7.88 20.50
C2' GDP Q . -16.73 9.39 20.18
O2' GDP Q . -17.66 10.30 20.76
C1' GDP Q . -15.77 8.90 21.23
N9 GDP Q . -14.49 9.66 21.36
C8 GDP Q . -13.59 9.98 20.41
N7 GDP Q . -12.52 10.65 20.94
C5 GDP Q . -12.72 10.72 22.26
C6 GDP Q . -12.03 11.27 23.43
O6 GDP Q . -10.92 11.85 23.36
N1 GDP Q . -12.60 11.14 24.64
C2 GDP Q . -13.78 10.52 24.82
N2 GDP Q . -14.27 10.44 26.07
N3 GDP Q . -14.49 9.99 23.80
C4 GDP Q . -14.01 10.06 22.53
S SO4 R . -34.43 -22.52 -6.33
O1 SO4 R . -35.20 -22.82 -7.53
O2 SO4 R . -34.53 -23.62 -5.39
O3 SO4 R . -33.03 -22.30 -6.70
O4 SO4 R . -35.00 -21.30 -5.73
#